data_6BMK
#
_entry.id   6BMK
#
_cell.length_a   58.566
_cell.length_b   71.549
_cell.length_c   104.747
_cell.angle_alpha   90.00
_cell.angle_beta   101.78
_cell.angle_gamma   90.00
#
_symmetry.space_group_name_H-M   'P 1 21 1'
#
loop_
_entity.id
_entity.type
_entity.pdbx_description
1 polymer 'Antigen-presenting glycoprotein CD1d2'
2 polymer Beta-2-microglobulin
3 branched 2-acetamido-2-deoxy-beta-D-glucopyranose-(1-4)-2-acetamido-2-deoxy-beta-D-glucopyranose
4 non-polymer 2-acetamido-2-deoxy-beta-D-glucopyranose
5 non-polymer '(2R)-1-(decanoyloxy)-3-(phosphonooxy)propan-2-yl octadecanoate'
6 water water
#
loop_
_entity_poly.entity_id
_entity_poly.type
_entity_poly.pdbx_seq_one_letter_code
_entity_poly.pdbx_strand_id
1 'polypeptide(L)'
;QQKNYTFRCLQTSSFANISWSRTDSLILLGDLQTHRWSNDSAIISFTKPWSQGKLSNQQWEKLQHMFQVYRVSFTRDIQE
LVKMMSPKEDYPIEIQLSTGCEMYPGNASESFFHVAFQGKYAVRFRGTSWQRVLGAPSWLDLPIKVLNADQGTSATVQTL
LNDTWPQFARGLLEAGKSDLEKQEKPVAWLSSVPSSAHGHLQLVCHVSGFYPKPVWVMWMRGDQEQQGTHRGDFLPNADE
TWYLQATLDVEAGEEAGLACRVKHSSLGGQDIILYW
;
A,C
2 'polypeptide(L)'
;IQKTPQIQVYSRHPPENGKPNILNCYVTQFHPPHIEIQMLKNGKKIPKVEMSDMSFSKDWSFYILAHTEFTPTETDTYAC
RVKHASMAEPKTVYWDRDM
;
B,D
#
loop_
_chem_comp.id
_chem_comp.type
_chem_comp.name
_chem_comp.formula
F57 non-polymer '(2R)-1-(decanoyloxy)-3-(phosphonooxy)propan-2-yl octadecanoate' 'C31 H61 O8 P'
NAG D-saccharide, beta linking 2-acetamido-2-deoxy-beta-D-glucopyranose 'C8 H15 N O6'
#
# COMPACT_ATOMS: atom_id res chain seq x y z
N TYR A 5 6.77 -23.21 0.27
CA TYR A 5 6.18 -23.37 1.62
C TYR A 5 6.27 -22.08 2.44
N THR A 6 5.12 -21.57 2.97
CA THR A 6 5.12 -20.38 3.83
C THR A 6 4.94 -20.81 5.28
N PHE A 7 5.85 -20.38 6.12
CA PHE A 7 5.78 -20.55 7.56
C PHE A 7 5.05 -19.29 8.10
N ARG A 8 3.94 -19.46 8.85
CA ARG A 8 3.22 -18.29 9.38
C ARG A 8 2.58 -18.57 10.75
N CYS A 9 2.83 -17.63 11.67
CA CYS A 9 2.28 -17.54 13.02
C CYS A 9 1.12 -16.57 12.90
N LEU A 10 -0.10 -17.06 13.05
CA LEU A 10 -1.31 -16.23 12.91
C LEU A 10 -1.92 -15.98 14.24
N GLN A 11 -2.03 -14.73 14.63
CA GLN A 11 -2.65 -14.34 15.89
C GLN A 11 -3.98 -13.57 15.66
N THR A 12 -5.05 -14.01 16.34
CA THR A 12 -6.36 -13.36 16.32
C THR A 12 -6.57 -12.78 17.74
N SER A 13 -6.66 -11.44 17.87
CA SER A 13 -6.88 -10.78 19.17
C SER A 13 -8.17 -9.93 19.15
N SER A 14 -8.95 -10.02 20.24
CA SER A 14 -10.20 -9.30 20.41
C SER A 14 -10.21 -8.55 21.74
N PHE A 15 -10.33 -7.22 21.67
CA PHE A 15 -10.42 -6.30 22.82
C PHE A 15 -11.89 -5.80 22.90
N ALA A 16 -12.70 -6.38 23.83
CA ALA A 16 -14.12 -5.99 23.96
C ALA A 16 -14.28 -4.66 24.71
N ASN A 17 -13.46 -4.44 25.75
CA ASN A 17 -13.44 -3.22 26.57
C ASN A 17 -12.03 -3.02 27.17
N ILE A 18 -11.87 -2.03 28.06
CA ILE A 18 -10.62 -1.65 28.72
C ILE A 18 -10.06 -2.78 29.64
N SER A 19 -10.86 -3.83 29.93
CA SER A 19 -10.40 -4.96 30.76
C SER A 19 -10.41 -6.28 29.98
N TRP A 20 -11.58 -6.68 29.43
CA TRP A 20 -11.79 -7.94 28.68
C TRP A 20 -11.12 -7.95 27.31
N SER A 21 -10.32 -9.01 27.10
CA SER A 21 -9.61 -9.34 25.86
C SER A 21 -9.32 -10.85 25.77
N ARG A 22 -9.14 -11.35 24.54
CA ARG A 22 -8.72 -12.72 24.25
C ARG A 22 -7.89 -12.76 22.98
N THR A 23 -6.78 -13.48 23.04
CA THR A 23 -5.87 -13.64 21.94
C THR A 23 -5.69 -15.14 21.75
N ASP A 24 -5.90 -15.61 20.52
CA ASP A 24 -5.74 -17.00 20.11
C ASP A 24 -4.83 -17.06 18.91
N SER A 25 -3.95 -18.05 18.87
CA SER A 25 -2.95 -18.17 17.81
C SER A 25 -2.72 -19.60 17.37
N LEU A 26 -2.20 -19.74 16.16
CA LEU A 26 -1.84 -21.03 15.58
C LEU A 26 -0.64 -20.81 14.69
N ILE A 27 0.04 -21.89 14.33
CA ILE A 27 1.21 -21.82 13.43
C ILE A 27 0.97 -22.82 12.30
N LEU A 28 1.14 -22.37 11.06
CA LEU A 28 1.00 -23.20 9.86
C LEU A 28 2.29 -23.20 9.05
N LEU A 29 2.65 -24.38 8.52
CA LEU A 29 3.78 -24.58 7.62
C LEU A 29 3.15 -25.11 6.36
N GLY A 30 3.02 -24.27 5.36
CA GLY A 30 2.29 -24.59 4.15
C GLY A 30 0.82 -24.64 4.54
N ASP A 31 0.16 -25.75 4.24
CA ASP A 31 -1.25 -25.95 4.57
C ASP A 31 -1.43 -26.90 5.78
N LEU A 32 -0.37 -27.09 6.59
CA LEU A 32 -0.42 -27.98 7.73
C LEU A 32 -0.25 -27.20 9.00
N GLN A 33 -1.18 -27.39 9.94
CA GLN A 33 -1.10 -26.74 11.22
C GLN A 33 -0.09 -27.47 12.08
N THR A 34 0.92 -26.74 12.59
CA THR A 34 2.01 -27.29 13.41
C THR A 34 1.86 -26.91 14.90
N HIS A 35 1.29 -25.74 15.22
CA HIS A 35 1.13 -25.34 16.61
C HIS A 35 -0.24 -24.74 16.88
N ARG A 36 -0.63 -24.71 18.17
CA ARG A 36 -1.88 -24.14 18.69
C ARG A 36 -1.59 -23.40 19.99
N TRP A 37 -2.26 -22.26 20.19
CA TRP A 37 -2.13 -21.48 21.44
C TRP A 37 -3.41 -20.70 21.72
N SER A 38 -4.30 -21.26 22.55
CA SER A 38 -5.58 -20.65 22.93
C SER A 38 -5.36 -19.64 24.05
N ASN A 39 -6.31 -18.72 24.27
CA ASN A 39 -6.19 -17.67 25.29
C ASN A 39 -5.90 -18.21 26.69
N ASP A 40 -6.71 -19.18 27.17
CA ASP A 40 -6.61 -19.71 28.52
C ASP A 40 -5.36 -20.57 28.73
N SER A 41 -4.80 -21.13 27.66
CA SER A 41 -3.59 -21.95 27.72
C SER A 41 -2.33 -21.06 27.91
N ALA A 42 -1.45 -21.42 28.86
CA ALA A 42 -0.21 -20.72 29.19
C ALA A 42 0.95 -21.17 28.31
N ILE A 43 0.88 -22.39 27.78
CA ILE A 43 1.89 -23.03 26.94
C ILE A 43 1.33 -23.28 25.51
N ILE A 44 2.23 -23.29 24.52
CA ILE A 44 1.95 -23.57 23.11
C ILE A 44 1.92 -25.09 22.93
N SER A 45 0.90 -25.61 22.24
CA SER A 45 0.76 -27.04 21.98
C SER A 45 1.23 -27.39 20.56
N PHE A 46 1.84 -28.56 20.42
CA PHE A 46 2.25 -29.15 19.14
C PHE A 46 1.07 -29.91 18.56
N THR A 47 0.77 -29.70 17.27
CA THR A 47 -0.35 -30.42 16.64
C THR A 47 0.23 -31.51 15.66
N LYS A 48 1.56 -31.62 15.61
CA LYS A 48 2.31 -32.58 14.79
C LYS A 48 3.42 -33.25 15.60
N PRO A 49 3.82 -34.51 15.30
CA PRO A 49 4.98 -35.11 16.03
C PRO A 49 6.32 -34.41 15.75
N TRP A 50 6.42 -33.64 14.65
CA TRP A 50 7.62 -32.96 14.21
C TRP A 50 7.61 -31.42 14.45
N SER A 51 6.66 -30.89 15.27
CA SER A 51 6.47 -29.48 15.53
C SER A 51 7.61 -28.78 16.25
N GLN A 52 8.50 -29.54 16.95
CA GLN A 52 9.66 -28.92 17.61
C GLN A 52 10.76 -28.58 16.59
N GLY A 53 10.61 -29.06 15.36
CA GLY A 53 11.56 -28.86 14.28
C GLY A 53 12.89 -29.51 14.64
N LYS A 54 13.99 -28.78 14.43
CA LYS A 54 15.33 -29.29 14.78
C LYS A 54 15.80 -28.64 16.10
N LEU A 55 14.87 -28.02 16.85
CA LEU A 55 15.20 -27.38 18.10
C LEU A 55 15.34 -28.39 19.23
N SER A 56 16.28 -28.11 20.14
CA SER A 56 16.48 -28.88 21.36
C SER A 56 15.44 -28.40 22.34
N ASN A 57 15.16 -29.17 23.40
CA ASN A 57 14.16 -28.79 24.38
C ASN A 57 14.50 -27.46 25.06
N GLN A 58 15.80 -27.13 25.22
CA GLN A 58 16.24 -25.87 25.83
C GLN A 58 15.95 -24.72 24.84
N GLN A 59 16.22 -24.93 23.54
CA GLN A 59 15.96 -23.97 22.44
C GLN A 59 14.45 -23.72 22.26
N TRP A 60 13.61 -24.78 22.37
CA TRP A 60 12.15 -24.65 22.24
C TRP A 60 11.55 -23.85 23.42
N GLU A 61 12.03 -24.14 24.64
CA GLU A 61 11.61 -23.46 25.88
C GLU A 61 11.93 -21.96 25.87
N LYS A 62 13.09 -21.57 25.30
CA LYS A 62 13.47 -20.17 25.17
C LYS A 62 12.53 -19.47 24.15
N LEU A 63 12.20 -20.17 23.03
CA LEU A 63 11.26 -19.68 22.01
C LEU A 63 9.83 -19.54 22.61
N GLN A 64 9.38 -20.55 23.38
CA GLN A 64 8.07 -20.52 24.06
C GLN A 64 8.02 -19.41 25.11
N HIS A 65 9.09 -19.24 25.90
CA HIS A 65 9.14 -18.19 26.94
C HIS A 65 9.00 -16.78 26.32
N MET A 66 9.68 -16.55 25.18
CA MET A 66 9.62 -15.29 24.45
C MET A 66 8.16 -14.96 24.08
N PHE A 67 7.43 -15.96 23.52
CA PHE A 67 6.01 -15.87 23.16
C PHE A 67 5.13 -15.54 24.38
N GLN A 68 5.42 -16.15 25.54
CA GLN A 68 4.68 -15.96 26.79
C GLN A 68 4.78 -14.50 27.27
N VAL A 69 6.00 -13.96 27.30
CA VAL A 69 6.33 -12.57 27.64
C VAL A 69 5.68 -11.64 26.60
N TYR A 70 5.79 -11.99 25.31
CA TYR A 70 5.19 -11.20 24.22
C TYR A 70 3.66 -11.08 24.34
N ARG A 71 2.93 -12.18 24.59
CA ARG A 71 1.46 -12.16 24.64
C ARG A 71 0.92 -11.19 25.71
N VAL A 72 1.52 -11.17 26.92
CA VAL A 72 1.12 -10.29 28.02
C VAL A 72 1.47 -8.83 27.65
N SER A 73 2.69 -8.62 27.12
CA SER A 73 3.23 -7.33 26.68
C SER A 73 2.44 -6.72 25.50
N PHE A 74 1.97 -7.55 24.55
CA PHE A 74 1.12 -7.15 23.43
C PHE A 74 -0.22 -6.60 23.95
N THR A 75 -0.90 -7.39 24.80
CA THR A 75 -2.21 -7.08 25.40
C THR A 75 -2.10 -5.76 26.17
N ARG A 76 -1.11 -5.64 27.04
CA ARG A 76 -0.78 -4.47 27.84
C ARG A 76 -0.55 -3.22 26.92
N ASP A 77 0.21 -3.39 25.81
CA ASP A 77 0.52 -2.30 24.87
C ASP A 77 -0.69 -1.77 24.15
N ILE A 78 -1.51 -2.65 23.54
CA ILE A 78 -2.71 -2.25 22.80
C ILE A 78 -3.60 -1.46 23.73
N GLN A 79 -3.82 -2.00 24.96
CA GLN A 79 -4.55 -1.37 26.04
C GLN A 79 -4.04 0.04 26.35
N GLU A 80 -2.69 0.21 26.53
CA GLU A 80 -2.02 1.50 26.81
C GLU A 80 -2.20 2.48 25.64
N LEU A 81 -1.91 2.03 24.39
CA LEU A 81 -2.06 2.72 23.09
C LEU A 81 -3.48 3.25 22.88
N VAL A 82 -4.51 2.50 23.33
CA VAL A 82 -5.94 2.86 23.23
C VAL A 82 -6.25 3.93 24.29
N LYS A 83 -5.80 3.72 25.55
CA LYS A 83 -6.03 4.62 26.69
C LYS A 83 -5.37 5.98 26.51
N MET A 84 -4.17 6.02 25.89
CA MET A 84 -3.42 7.27 25.69
C MET A 84 -4.06 8.17 24.62
N MET A 85 -4.81 7.58 23.70
CA MET A 85 -5.53 8.35 22.71
C MET A 85 -6.85 7.70 22.45
N SER A 86 -7.94 8.29 23.02
CA SER A 86 -9.33 7.87 22.82
C SER A 86 -9.64 8.12 21.32
N PRO A 87 -9.69 7.06 20.45
CA PRO A 87 -9.88 7.31 19.02
C PRO A 87 -11.36 7.44 18.63
N LYS A 88 -12.16 8.13 19.48
CA LYS A 88 -13.62 8.32 19.38
C LYS A 88 -14.28 6.97 19.68
N GLU A 89 -13.96 5.93 18.88
CA GLU A 89 -14.38 4.55 19.13
C GLU A 89 -13.19 3.81 19.73
N ASP A 90 -13.19 3.70 21.07
CA ASP A 90 -12.14 3.03 21.83
C ASP A 90 -12.27 1.51 21.67
N TYR A 91 -13.49 0.96 21.84
CA TYR A 91 -13.77 -0.48 21.73
C TYR A 91 -15.05 -0.68 20.93
N PRO A 92 -15.27 -1.86 20.26
CA PRO A 92 -14.45 -3.09 20.22
C PRO A 92 -13.25 -2.99 19.26
N ILE A 93 -12.12 -3.65 19.58
CA ILE A 93 -10.91 -3.70 18.73
C ILE A 93 -10.62 -5.15 18.31
N GLU A 94 -10.43 -5.33 16.99
CA GLU A 94 -10.10 -6.58 16.31
C GLU A 94 -8.73 -6.45 15.66
N ILE A 95 -7.78 -7.28 16.13
CA ILE A 95 -6.40 -7.29 15.61
C ILE A 95 -6.06 -8.68 15.09
N GLN A 96 -5.43 -8.73 13.89
CA GLN A 96 -4.89 -9.93 13.22
C GLN A 96 -3.43 -9.67 12.92
N LEU A 97 -2.55 -10.56 13.40
CA LEU A 97 -1.12 -10.54 13.18
C LEU A 97 -0.72 -11.75 12.35
N SER A 98 0.11 -11.53 11.35
CA SER A 98 0.66 -12.61 10.54
C SER A 98 2.16 -12.38 10.41
N THR A 99 2.96 -13.28 10.98
CA THR A 99 4.40 -13.15 10.94
C THR A 99 5.03 -14.51 10.66
N GLY A 100 6.09 -14.51 9.88
CA GLY A 100 6.81 -15.72 9.50
C GLY A 100 7.77 -15.45 8.37
N CYS A 101 7.92 -16.43 7.47
CA CYS A 101 8.77 -16.34 6.29
C CYS A 101 8.33 -17.32 5.21
N GLU A 102 8.52 -16.88 3.97
CA GLU A 102 8.28 -17.67 2.78
C GLU A 102 9.57 -18.42 2.47
N MET A 103 9.50 -19.76 2.44
CA MET A 103 10.64 -20.63 2.18
C MET A 103 10.80 -20.88 0.70
N TYR A 104 12.01 -20.55 0.20
CA TYR A 104 12.42 -20.72 -1.20
C TYR A 104 13.54 -21.77 -1.30
N PRO A 105 13.57 -22.62 -2.36
CA PRO A 105 14.63 -23.64 -2.46
C PRO A 105 16.05 -23.05 -2.53
N GLY A 106 16.92 -23.55 -1.64
CA GLY A 106 18.32 -23.15 -1.55
C GLY A 106 18.68 -22.35 -0.30
N ASN A 107 18.10 -22.73 0.86
CA ASN A 107 18.27 -22.09 2.18
C ASN A 107 17.86 -20.58 2.19
N ALA A 108 17.20 -20.07 1.11
CA ALA A 108 16.75 -18.68 0.96
C ALA A 108 15.33 -18.48 1.51
N SER A 109 15.09 -17.31 2.14
CA SER A 109 13.78 -16.95 2.73
C SER A 109 13.55 -15.43 2.82
N GLU A 110 12.26 -15.03 2.76
CA GLU A 110 11.78 -13.65 2.88
C GLU A 110 10.81 -13.58 4.08
N SER A 111 11.23 -12.88 5.15
CA SER A 111 10.46 -12.71 6.38
C SER A 111 9.45 -11.57 6.33
N PHE A 112 8.37 -11.66 7.16
CA PHE A 112 7.30 -10.65 7.22
C PHE A 112 6.65 -10.56 8.61
N PHE A 113 6.04 -9.41 8.91
CA PHE A 113 5.26 -9.15 10.11
C PHE A 113 4.19 -8.15 9.68
N HIS A 114 2.98 -8.64 9.38
CA HIS A 114 1.84 -7.83 8.92
C HIS A 114 0.73 -7.78 9.96
N VAL A 115 0.02 -6.67 10.02
CA VAL A 115 -1.05 -6.45 11.00
C VAL A 115 -2.28 -5.90 10.29
N ALA A 116 -3.43 -6.50 10.56
CA ALA A 116 -4.73 -6.00 10.14
C ALA A 116 -5.39 -5.38 11.35
N PHE A 117 -6.11 -4.28 11.14
CA PHE A 117 -6.85 -3.58 12.20
C PHE A 117 -8.28 -3.44 11.71
N GLN A 118 -9.23 -3.98 12.49
CA GLN A 118 -10.66 -4.03 12.18
C GLN A 118 -10.91 -4.73 10.81
N GLY A 119 -10.13 -5.78 10.56
CA GLY A 119 -10.22 -6.60 9.35
C GLY A 119 -9.49 -6.10 8.13
N LYS A 120 -8.84 -4.92 8.21
CA LYS A 120 -8.10 -4.39 7.08
C LYS A 120 -6.61 -4.26 7.36
N TYR A 121 -5.80 -4.63 6.37
CA TYR A 121 -4.34 -4.56 6.41
C TYR A 121 -3.94 -3.15 6.82
N ALA A 122 -3.27 -3.05 7.97
CA ALA A 122 -2.97 -1.75 8.54
C ALA A 122 -1.49 -1.43 8.69
N VAL A 123 -0.66 -2.39 9.19
CA VAL A 123 0.77 -2.12 9.49
C VAL A 123 1.67 -3.26 9.04
N ARG A 124 2.93 -2.94 8.76
CA ARG A 124 4.00 -3.86 8.40
C ARG A 124 5.29 -3.54 9.18
N PHE A 125 6.25 -4.48 9.22
CA PHE A 125 7.58 -4.23 9.80
C PHE A 125 8.62 -4.36 8.70
N ARG A 126 9.40 -3.30 8.44
CA ARG A 126 10.49 -3.33 7.46
C ARG A 126 11.74 -2.63 8.02
N GLY A 127 12.85 -3.33 7.94
CA GLY A 127 14.13 -2.86 8.44
C GLY A 127 14.23 -2.85 9.95
N THR A 128 13.83 -1.72 10.57
CA THR A 128 13.89 -1.58 12.03
C THR A 128 12.61 -0.96 12.60
N SER A 129 11.61 -0.66 11.75
CA SER A 129 10.42 0.03 12.25
C SER A 129 9.10 -0.46 11.64
N TRP A 130 8.00 -0.10 12.33
CA TRP A 130 6.62 -0.34 11.93
C TRP A 130 6.20 0.75 10.92
N GLN A 131 5.53 0.38 9.85
CA GLN A 131 5.09 1.34 8.84
C GLN A 131 3.61 1.18 8.57
N ARG A 132 2.82 2.26 8.66
CA ARG A 132 1.40 2.20 8.31
C ARG A 132 1.28 1.84 6.80
N VAL A 133 0.30 1.00 6.43
CA VAL A 133 0.14 0.61 5.02
C VAL A 133 -1.00 1.41 4.37
N LEU A 134 -0.90 1.55 3.06
CA LEU A 134 -1.87 2.21 2.19
C LEU A 134 -3.30 1.72 2.51
N GLY A 135 -4.14 2.66 2.95
CA GLY A 135 -5.52 2.37 3.26
C GLY A 135 -5.89 2.41 4.72
N ALA A 136 -4.91 2.14 5.62
CA ALA A 136 -5.12 2.16 7.07
C ALA A 136 -5.47 3.58 7.58
N PRO A 137 -6.42 3.73 8.55
CA PRO A 137 -6.73 5.09 9.06
C PRO A 137 -5.47 5.82 9.52
N SER A 138 -5.32 7.09 9.08
CA SER A 138 -4.15 7.94 9.32
C SER A 138 -3.87 8.17 10.80
N TRP A 139 -4.88 8.10 11.67
CA TRP A 139 -4.66 8.33 13.11
C TRP A 139 -3.80 7.22 13.74
N LEU A 140 -3.63 6.07 13.03
CA LEU A 140 -2.76 4.99 13.45
C LEU A 140 -1.28 5.43 13.47
N ASP A 141 -0.94 6.56 12.80
CA ASP A 141 0.40 7.14 12.74
C ASP A 141 0.97 7.46 14.12
N LEU A 142 0.10 7.88 15.03
CA LEU A 142 0.46 8.26 16.39
C LEU A 142 0.85 7.01 17.20
N PRO A 143 0.02 5.94 17.37
CA PRO A 143 0.49 4.73 18.07
C PRO A 143 1.70 4.05 17.39
N ILE A 144 1.84 4.18 16.04
CA ILE A 144 2.96 3.65 15.24
C ILE A 144 4.24 4.42 15.60
N LYS A 145 4.12 5.72 15.88
CA LYS A 145 5.26 6.54 16.29
C LYS A 145 5.67 6.16 17.72
N VAL A 146 4.67 5.98 18.64
CA VAL A 146 4.91 5.53 20.03
C VAL A 146 5.64 4.17 20.04
N LEU A 147 5.13 3.16 19.30
CA LEU A 147 5.71 1.82 19.18
C LEU A 147 7.13 1.85 18.62
N ASN A 148 7.39 2.73 17.63
CA ASN A 148 8.69 2.87 16.99
C ASN A 148 9.77 3.44 17.91
N ALA A 149 9.37 4.10 19.02
CA ALA A 149 10.30 4.69 19.99
C ALA A 149 11.04 3.61 20.78
N ASP A 150 10.36 2.46 20.99
CA ASP A 150 10.87 1.30 21.69
C ASP A 150 11.81 0.53 20.76
N GLN A 151 13.11 0.86 20.84
CA GLN A 151 14.15 0.26 20.02
C GLN A 151 14.43 -1.19 20.43
N GLY A 152 14.19 -1.48 21.72
CA GLY A 152 14.38 -2.80 22.32
C GLY A 152 13.45 -3.83 21.72
N THR A 153 12.14 -3.51 21.66
CA THR A 153 11.11 -4.34 21.02
C THR A 153 11.43 -4.47 19.54
N SER A 154 11.80 -3.34 18.90
CA SER A 154 12.18 -3.29 17.49
C SER A 154 13.34 -4.22 17.19
N ALA A 155 14.31 -4.34 18.11
CA ALA A 155 15.46 -5.24 17.95
C ALA A 155 15.02 -6.69 18.06
N THR A 156 14.04 -6.99 18.94
CA THR A 156 13.53 -8.35 19.07
C THR A 156 12.82 -8.75 17.78
N VAL A 157 11.98 -7.86 17.22
CA VAL A 157 11.25 -8.12 15.98
C VAL A 157 12.27 -8.33 14.85
N GLN A 158 13.38 -7.58 14.86
CA GLN A 158 14.46 -7.72 13.88
C GLN A 158 15.11 -9.11 14.02
N THR A 159 15.36 -9.54 15.27
CA THR A 159 15.92 -10.86 15.62
C THR A 159 14.96 -11.93 15.11
N LEU A 160 13.68 -11.77 15.41
CA LEU A 160 12.59 -12.65 15.00
C LEU A 160 12.54 -12.83 13.49
N LEU A 161 12.53 -11.74 12.74
CA LEU A 161 12.46 -11.79 11.29
C LEU A 161 13.78 -12.22 10.64
N ASN A 162 14.93 -11.79 11.19
CA ASN A 162 16.23 -12.09 10.58
C ASN A 162 16.84 -13.43 11.03
N ASP A 163 16.56 -13.89 12.28
CA ASP A 163 17.17 -15.08 12.86
C ASP A 163 16.18 -16.19 13.30
N THR A 164 15.20 -15.87 14.18
CA THR A 164 14.30 -16.87 14.74
C THR A 164 13.50 -17.57 13.66
N TRP A 165 12.75 -16.82 12.81
CA TRP A 165 11.86 -17.38 11.78
C TRP A 165 12.64 -18.17 10.72
N PRO A 166 13.61 -17.61 9.95
CA PRO A 166 14.27 -18.44 8.93
C PRO A 166 14.91 -19.75 9.46
N GLN A 167 15.56 -19.71 10.66
CA GLN A 167 16.23 -20.87 11.27
C GLN A 167 15.21 -21.90 11.84
N PHE A 168 14.20 -21.44 12.59
CA PHE A 168 13.20 -22.36 13.13
C PHE A 168 12.41 -23.01 12.00
N ALA A 169 11.98 -22.22 11.00
CA ALA A 169 11.19 -22.66 9.86
C ALA A 169 11.92 -23.66 8.96
N ARG A 170 13.25 -23.50 8.74
CA ARG A 170 14.05 -24.46 7.93
C ARG A 170 14.08 -25.84 8.62
N GLY A 171 14.28 -25.83 9.94
CA GLY A 171 14.29 -27.01 10.79
C GLY A 171 12.94 -27.70 10.81
N LEU A 172 11.87 -26.88 10.87
CA LEU A 172 10.49 -27.33 10.85
C LEU A 172 10.20 -27.97 9.50
N LEU A 173 10.65 -27.31 8.41
CA LEU A 173 10.51 -27.78 7.03
C LEU A 173 11.19 -29.15 6.85
N GLU A 174 12.42 -29.33 7.42
CA GLU A 174 13.23 -30.57 7.37
C GLU A 174 12.57 -31.72 8.12
N ALA A 175 12.11 -31.46 9.35
CA ALA A 175 11.43 -32.46 10.19
C ALA A 175 10.02 -32.79 9.63
N GLY A 176 9.41 -31.85 8.91
CA GLY A 176 8.09 -32.04 8.33
C GLY A 176 8.02 -32.36 6.85
N LYS A 177 9.20 -32.51 6.19
CA LYS A 177 9.35 -32.78 4.75
C LYS A 177 8.59 -34.00 4.32
N SER A 178 8.71 -35.14 5.04
CA SER A 178 8.02 -36.38 4.69
C SER A 178 6.49 -36.23 4.80
N ASP A 179 5.98 -35.47 5.79
CA ASP A 179 4.56 -35.21 5.94
C ASP A 179 4.05 -34.33 4.80
N LEU A 180 4.79 -33.24 4.45
CA LEU A 180 4.42 -32.29 3.38
C LEU A 180 4.49 -32.93 1.96
N GLU A 181 5.13 -34.12 1.86
CA GLU A 181 5.32 -34.88 0.62
C GLU A 181 4.55 -36.22 0.62
N LYS A 182 3.87 -36.58 1.74
CA LYS A 182 3.04 -37.79 1.80
C LYS A 182 1.96 -37.73 0.71
N GLN A 183 1.67 -38.85 0.08
CA GLN A 183 0.70 -38.91 -1.00
C GLN A 183 -0.56 -39.58 -0.52
N GLU A 184 -1.68 -38.88 -0.65
CA GLU A 184 -3.00 -39.39 -0.31
C GLU A 184 -3.78 -39.41 -1.60
N LYS A 185 -4.45 -40.53 -1.89
CA LYS A 185 -5.14 -40.69 -3.16
C LYS A 185 -6.54 -40.08 -3.16
N PRO A 186 -6.88 -39.34 -4.25
CA PRO A 186 -8.24 -38.81 -4.36
C PRO A 186 -9.23 -39.92 -4.68
N VAL A 187 -10.48 -39.72 -4.26
CA VAL A 187 -11.59 -40.60 -4.59
C VAL A 187 -12.60 -39.69 -5.33
N ALA A 188 -13.07 -40.11 -6.50
CA ALA A 188 -14.03 -39.32 -7.25
C ALA A 188 -15.42 -39.95 -7.30
N TRP A 189 -16.47 -39.11 -7.38
CA TRP A 189 -17.85 -39.54 -7.52
C TRP A 189 -18.63 -38.48 -8.28
N LEU A 190 -19.66 -38.92 -8.98
CA LEU A 190 -20.42 -38.02 -9.83
C LEU A 190 -21.83 -37.87 -9.41
N SER A 191 -22.41 -36.71 -9.75
CA SER A 191 -23.83 -36.40 -9.52
C SER A 191 -24.24 -35.32 -10.51
N SER A 192 -25.52 -34.99 -10.51
CA SER A 192 -26.04 -33.96 -11.38
C SER A 192 -27.19 -33.25 -10.74
N VAL A 193 -27.33 -31.97 -11.06
CA VAL A 193 -28.45 -31.16 -10.60
C VAL A 193 -29.11 -30.55 -11.83
N PRO A 194 -30.46 -30.58 -11.92
CA PRO A 194 -31.13 -29.94 -13.07
C PRO A 194 -30.83 -28.44 -13.06
N SER A 195 -30.43 -27.88 -14.21
CA SER A 195 -30.05 -26.47 -14.31
C SER A 195 -31.28 -25.57 -14.52
N SER A 196 -31.13 -24.25 -14.21
CA SER A 196 -32.16 -23.23 -14.38
C SER A 196 -32.25 -22.86 -15.87
N ALA A 197 -32.82 -23.80 -16.64
CA ALA A 197 -33.08 -23.86 -18.09
C ALA A 197 -33.60 -25.25 -18.42
N HIS A 198 -34.74 -25.36 -19.15
CA HIS A 198 -35.28 -26.70 -19.46
C HIS A 198 -34.36 -27.42 -20.45
N GLY A 199 -34.13 -28.69 -20.17
CA GLY A 199 -33.23 -29.52 -20.97
C GLY A 199 -31.78 -29.16 -20.76
N HIS A 200 -31.43 -28.65 -19.56
CA HIS A 200 -30.09 -28.28 -19.16
C HIS A 200 -29.77 -28.95 -17.84
N LEU A 201 -28.58 -29.54 -17.76
CA LEU A 201 -28.15 -30.29 -16.60
C LEU A 201 -26.75 -29.87 -16.14
N GLN A 202 -26.55 -29.77 -14.83
CA GLN A 202 -25.23 -29.47 -14.29
C GLN A 202 -24.64 -30.76 -13.75
N LEU A 203 -23.52 -31.17 -14.34
CA LEU A 203 -22.76 -32.38 -14.01
C LEU A 203 -21.73 -32.03 -12.94
N VAL A 204 -21.70 -32.78 -11.85
CA VAL A 204 -20.78 -32.48 -10.74
C VAL A 204 -19.81 -33.63 -10.53
N CYS A 205 -18.52 -33.29 -10.57
CA CYS A 205 -17.48 -34.24 -10.29
C CYS A 205 -16.87 -33.87 -8.96
N HIS A 206 -17.08 -34.73 -7.93
CA HIS A 206 -16.59 -34.55 -6.56
C HIS A 206 -15.30 -35.32 -6.39
N VAL A 207 -14.25 -34.65 -5.91
CA VAL A 207 -12.93 -35.26 -5.72
C VAL A 207 -12.50 -34.94 -4.28
N SER A 208 -12.28 -36.00 -3.47
CA SER A 208 -11.94 -35.83 -2.06
C SER A 208 -10.84 -36.76 -1.55
N GLY A 209 -10.14 -36.30 -0.52
CA GLY A 209 -9.13 -37.09 0.18
C GLY A 209 -7.72 -37.08 -0.35
N PHE A 210 -7.44 -36.18 -1.29
CA PHE A 210 -6.13 -36.08 -1.91
C PHE A 210 -5.22 -35.16 -1.12
N TYR A 211 -3.92 -35.45 -1.21
CA TYR A 211 -2.82 -34.71 -0.62
C TYR A 211 -1.52 -35.07 -1.39
N PRO A 212 -0.66 -34.10 -1.79
CA PRO A 212 -0.73 -32.63 -1.59
C PRO A 212 -1.86 -31.95 -2.38
N LYS A 213 -2.00 -30.62 -2.19
CA LYS A 213 -3.03 -29.77 -2.80
C LYS A 213 -3.01 -29.76 -4.36
N PRO A 214 -1.88 -29.62 -5.11
CA PRO A 214 -1.98 -29.58 -6.58
C PRO A 214 -2.72 -30.79 -7.17
N VAL A 215 -3.76 -30.48 -7.96
CA VAL A 215 -4.62 -31.44 -8.62
C VAL A 215 -5.13 -30.84 -9.94
N TRP A 216 -5.55 -31.73 -10.84
CA TRP A 216 -6.12 -31.44 -12.15
C TRP A 216 -7.40 -32.24 -12.25
N VAL A 217 -8.53 -31.56 -12.49
CA VAL A 217 -9.85 -32.19 -12.60
C VAL A 217 -10.53 -31.59 -13.82
N MET A 218 -10.91 -32.45 -14.78
CA MET A 218 -11.56 -31.99 -16.00
C MET A 218 -12.60 -32.93 -16.49
N TRP A 219 -13.71 -32.36 -16.97
CA TRP A 219 -14.74 -33.11 -17.64
C TRP A 219 -14.25 -33.30 -19.10
N MET A 220 -14.37 -34.53 -19.63
CA MET A 220 -13.88 -34.93 -20.95
C MET A 220 -14.92 -35.60 -21.83
N ARG A 221 -14.73 -35.47 -23.15
CA ARG A 221 -15.38 -36.22 -24.23
C ARG A 221 -14.24 -36.86 -24.98
N GLY A 222 -13.79 -37.97 -24.44
CA GLY A 222 -12.65 -38.70 -24.98
C GLY A 222 -11.36 -37.98 -24.64
N ASP A 223 -10.66 -37.48 -25.68
CA ASP A 223 -9.41 -36.73 -25.60
C ASP A 223 -9.67 -35.22 -25.52
N GLN A 224 -10.94 -34.81 -25.74
CA GLN A 224 -11.34 -33.42 -25.76
C GLN A 224 -11.76 -32.93 -24.37
N GLU A 225 -11.01 -31.96 -23.85
CA GLU A 225 -11.23 -31.31 -22.55
C GLU A 225 -12.43 -30.40 -22.71
N GLN A 226 -13.44 -30.52 -21.83
CA GLN A 226 -14.62 -29.67 -21.96
C GLN A 226 -14.31 -28.33 -21.32
N GLN A 227 -14.05 -27.31 -22.16
CA GLN A 227 -13.70 -25.95 -21.74
C GLN A 227 -14.66 -25.37 -20.70
N GLY A 228 -15.92 -25.81 -20.76
CA GLY A 228 -16.95 -25.40 -19.83
C GLY A 228 -16.78 -25.93 -18.41
N THR A 229 -15.69 -26.70 -18.14
CA THR A 229 -15.43 -27.24 -16.80
C THR A 229 -15.09 -26.09 -15.88
N HIS A 230 -15.88 -25.95 -14.81
CA HIS A 230 -15.66 -24.93 -13.79
C HIS A 230 -15.24 -25.58 -12.47
N ARG A 231 -13.99 -25.35 -12.09
CA ARG A 231 -13.34 -25.79 -10.85
C ARG A 231 -13.85 -24.95 -9.68
N GLY A 232 -14.32 -25.59 -8.61
CA GLY A 232 -14.75 -24.90 -7.39
C GLY A 232 -13.53 -24.52 -6.59
N ASP A 233 -13.74 -24.06 -5.34
CA ASP A 233 -12.61 -23.75 -4.45
C ASP A 233 -12.16 -25.04 -3.77
N PHE A 234 -10.91 -25.05 -3.31
CA PHE A 234 -10.35 -26.14 -2.52
C PHE A 234 -10.96 -26.07 -1.13
N LEU A 235 -11.58 -27.17 -0.70
CA LEU A 235 -12.24 -27.21 0.60
C LEU A 235 -11.52 -28.21 1.50
N PRO A 236 -11.21 -27.81 2.76
CA PRO A 236 -10.43 -28.73 3.62
C PRO A 236 -11.26 -29.86 4.16
N ASN A 237 -10.57 -30.93 4.48
CA ASN A 237 -11.10 -32.07 5.20
C ASN A 237 -10.48 -31.98 6.58
N ALA A 238 -11.12 -32.53 7.60
CA ALA A 238 -10.66 -32.55 8.99
C ALA A 238 -9.27 -33.23 9.15
N ASP A 239 -8.94 -34.18 8.26
CA ASP A 239 -7.68 -34.92 8.28
C ASP A 239 -6.57 -34.19 7.49
N GLU A 240 -6.87 -32.98 6.98
CA GLU A 240 -5.97 -32.08 6.26
C GLU A 240 -5.71 -32.56 4.80
N THR A 241 -6.57 -33.43 4.26
CA THR A 241 -6.60 -33.77 2.84
C THR A 241 -7.53 -32.72 2.20
N TRP A 242 -7.63 -32.73 0.88
CA TRP A 242 -8.41 -31.72 0.21
C TRP A 242 -9.61 -32.29 -0.52
N TYR A 243 -10.60 -31.41 -0.74
CA TYR A 243 -11.82 -31.67 -1.47
C TYR A 243 -11.98 -30.59 -2.54
N LEU A 244 -12.47 -30.97 -3.67
CA LEU A 244 -12.73 -30.07 -4.77
C LEU A 244 -13.86 -30.65 -5.64
N GLN A 245 -14.62 -29.79 -6.26
CA GLN A 245 -15.62 -30.26 -7.21
C GLN A 245 -15.48 -29.44 -8.48
N ALA A 246 -15.67 -30.10 -9.61
CA ALA A 246 -15.65 -29.49 -10.93
C ALA A 246 -16.97 -29.78 -11.58
N THR A 247 -17.62 -28.71 -12.06
CA THR A 247 -18.95 -28.80 -12.66
C THR A 247 -18.92 -28.51 -14.17
N LEU A 248 -19.92 -29.04 -14.87
CA LEU A 248 -20.08 -28.85 -16.30
C LEU A 248 -21.54 -28.72 -16.64
N ASP A 249 -21.88 -27.64 -17.34
CA ASP A 249 -23.24 -27.43 -17.81
C ASP A 249 -23.36 -28.04 -19.18
N VAL A 250 -24.37 -28.91 -19.35
CA VAL A 250 -24.66 -29.64 -20.58
C VAL A 250 -26.16 -29.59 -20.91
N GLU A 251 -26.50 -29.85 -22.18
CA GLU A 251 -27.88 -29.98 -22.63
C GLU A 251 -28.28 -31.44 -22.39
N ALA A 252 -29.55 -31.70 -22.01
CA ALA A 252 -30.08 -33.05 -21.78
C ALA A 252 -29.81 -33.96 -23.00
N GLY A 253 -29.24 -35.13 -22.71
CA GLY A 253 -28.82 -36.13 -23.68
C GLY A 253 -27.31 -36.13 -23.94
N GLU A 254 -26.65 -34.97 -23.72
CA GLU A 254 -25.21 -34.81 -23.94
C GLU A 254 -24.34 -35.42 -22.85
N GLU A 255 -24.91 -35.96 -21.76
CA GLU A 255 -24.14 -36.54 -20.65
C GLU A 255 -23.44 -37.83 -21.04
N ALA A 256 -24.15 -38.68 -21.82
CA ALA A 256 -23.69 -39.99 -22.28
C ALA A 256 -22.34 -39.87 -23.04
N GLY A 257 -21.29 -40.51 -22.51
CA GLY A 257 -19.96 -40.46 -23.10
C GLY A 257 -19.02 -39.48 -22.42
N LEU A 258 -19.57 -38.67 -21.51
CA LEU A 258 -18.75 -37.74 -20.75
C LEU A 258 -18.17 -38.45 -19.54
N ALA A 259 -16.97 -38.03 -19.18
CA ALA A 259 -16.23 -38.59 -18.08
C ALA A 259 -15.52 -37.51 -17.30
N CYS A 260 -15.29 -37.77 -16.01
CA CYS A 260 -14.48 -36.90 -15.21
C CYS A 260 -13.11 -37.52 -15.10
N ARG A 261 -12.09 -36.76 -15.45
CA ARG A 261 -10.71 -37.19 -15.40
C ARG A 261 -9.97 -36.43 -14.28
N VAL A 262 -9.27 -37.17 -13.44
CA VAL A 262 -8.51 -36.53 -12.39
C VAL A 262 -7.03 -37.04 -12.43
N LYS A 263 -6.13 -36.08 -12.54
CA LYS A 263 -4.68 -36.24 -12.48
C LYS A 263 -4.22 -35.78 -11.11
N HIS A 264 -3.62 -36.69 -10.35
CA HIS A 264 -3.01 -36.39 -9.05
C HIS A 264 -1.67 -37.12 -8.93
N SER A 265 -0.68 -36.48 -8.26
CA SER A 265 0.69 -36.98 -8.05
C SER A 265 0.73 -38.36 -7.34
N SER A 266 -0.32 -38.70 -6.57
CA SER A 266 -0.40 -39.96 -5.82
C SER A 266 -0.80 -41.17 -6.67
N LEU A 267 -1.32 -40.94 -7.89
CA LEU A 267 -1.83 -42.01 -8.78
C LEU A 267 -0.80 -42.51 -9.78
N GLY A 268 0.39 -41.91 -9.78
CA GLY A 268 1.40 -42.16 -10.78
C GLY A 268 0.92 -41.42 -12.02
N GLY A 269 0.75 -42.17 -13.11
CA GLY A 269 0.22 -41.65 -14.36
C GLY A 269 -1.17 -42.22 -14.60
N GLN A 270 -1.59 -43.16 -13.72
CA GLN A 270 -2.88 -43.83 -13.79
C GLN A 270 -4.00 -42.88 -13.28
N ASP A 271 -4.48 -42.01 -14.20
CA ASP A 271 -5.54 -41.03 -13.99
C ASP A 271 -6.85 -41.69 -13.66
N ILE A 272 -7.69 -41.04 -12.84
CA ILE A 272 -9.03 -41.52 -12.57
C ILE A 272 -9.86 -41.06 -13.76
N ILE A 273 -10.58 -41.98 -14.41
CA ILE A 273 -11.47 -41.65 -15.53
C ILE A 273 -12.79 -42.25 -15.14
N LEU A 274 -13.74 -41.39 -14.77
CA LEU A 274 -15.05 -41.78 -14.28
C LEU A 274 -16.12 -41.35 -15.24
N TYR A 275 -16.74 -42.31 -15.94
CA TYR A 275 -17.79 -42.00 -16.93
C TYR A 275 -19.12 -41.74 -16.30
N TRP A 276 -19.88 -40.81 -16.86
CA TRP A 276 -21.25 -40.54 -16.43
C TRP A 276 -22.16 -41.77 -16.66
N GLN B 2 -17.32 -5.37 8.82
CA GLN B 2 -18.23 -6.52 8.74
C GLN B 2 -18.23 -7.20 7.35
N LYS B 3 -18.15 -8.52 7.36
CA LYS B 3 -18.19 -9.36 6.16
C LYS B 3 -19.13 -10.55 6.41
N THR B 4 -20.02 -10.83 5.45
CA THR B 4 -21.00 -11.92 5.55
C THR B 4 -20.33 -13.30 5.33
N PRO B 5 -20.64 -14.30 6.19
CA PRO B 5 -20.03 -15.63 6.02
C PRO B 5 -20.60 -16.43 4.85
N GLN B 6 -19.71 -17.08 4.08
CA GLN B 6 -20.03 -18.04 3.01
C GLN B 6 -19.99 -19.42 3.66
N ILE B 7 -20.98 -20.29 3.38
CA ILE B 7 -21.08 -21.63 3.98
C ILE B 7 -21.11 -22.70 2.90
N GLN B 8 -20.29 -23.77 3.06
CA GLN B 8 -20.24 -24.91 2.13
C GLN B 8 -20.32 -26.21 2.90
N VAL B 9 -21.32 -27.06 2.57
CA VAL B 9 -21.61 -28.35 3.20
C VAL B 9 -21.34 -29.46 2.19
N TYR B 10 -20.43 -30.38 2.56
CA TYR B 10 -19.93 -31.47 1.69
C TYR B 10 -19.46 -32.63 2.57
N SER B 11 -19.44 -33.87 2.03
CA SER B 11 -19.05 -35.03 2.82
C SER B 11 -17.59 -35.44 2.52
N ARG B 12 -16.95 -36.20 3.44
CA ARG B 12 -15.54 -36.62 3.27
C ARG B 12 -15.42 -37.72 2.24
N HIS B 13 -16.39 -38.62 2.27
CA HIS B 13 -16.40 -39.79 1.38
C HIS B 13 -17.65 -39.79 0.47
N PRO B 14 -17.66 -40.60 -0.60
CA PRO B 14 -18.89 -40.69 -1.41
C PRO B 14 -20.08 -41.06 -0.52
N PRO B 15 -21.21 -40.35 -0.61
CA PRO B 15 -22.34 -40.70 0.27
C PRO B 15 -23.08 -41.98 -0.17
N GLU B 16 -23.27 -42.90 0.78
CA GLU B 16 -23.98 -44.17 0.58
C GLU B 16 -24.89 -44.36 1.78
N ASN B 17 -26.20 -44.49 1.55
CA ASN B 17 -27.19 -44.64 2.62
C ASN B 17 -26.85 -45.82 3.50
N GLY B 18 -26.82 -45.56 4.80
CA GLY B 18 -26.49 -46.54 5.84
C GLY B 18 -25.02 -46.67 6.15
N LYS B 19 -24.13 -46.01 5.35
CA LYS B 19 -22.68 -46.10 5.57
C LYS B 19 -22.17 -44.87 6.36
N PRO B 20 -21.56 -45.08 7.57
CA PRO B 20 -21.00 -43.93 8.32
C PRO B 20 -20.04 -43.09 7.47
N ASN B 21 -20.08 -41.78 7.70
CA ASN B 21 -19.31 -40.82 6.93
C ASN B 21 -19.01 -39.62 7.85
N ILE B 22 -18.44 -38.54 7.29
CA ILE B 22 -18.16 -37.29 7.97
C ILE B 22 -18.76 -36.15 7.14
N LEU B 23 -19.58 -35.30 7.79
CA LEU B 23 -20.17 -34.12 7.17
C LEU B 23 -19.36 -32.91 7.54
N ASN B 24 -18.96 -32.16 6.52
CA ASN B 24 -18.18 -30.95 6.67
C ASN B 24 -19.01 -29.70 6.45
N CYS B 25 -18.69 -28.67 7.21
CA CYS B 25 -19.25 -27.33 7.05
C CYS B 25 -18.09 -26.33 7.14
N TYR B 26 -17.76 -25.72 6.00
CA TYR B 26 -16.68 -24.77 5.86
C TYR B 26 -17.24 -23.37 5.76
N VAL B 27 -16.97 -22.59 6.81
CA VAL B 27 -17.42 -21.21 6.94
C VAL B 27 -16.23 -20.28 6.74
N THR B 28 -16.36 -19.36 5.78
CA THR B 28 -15.33 -18.40 5.36
C THR B 28 -15.85 -16.96 5.14
N GLN B 29 -14.91 -16.06 4.83
CA GLN B 29 -15.09 -14.66 4.43
C GLN B 29 -15.83 -13.78 5.46
N PHE B 30 -15.91 -14.20 6.71
CA PHE B 30 -16.62 -13.41 7.72
C PHE B 30 -15.66 -12.53 8.55
N HIS B 31 -16.17 -11.36 8.96
CA HIS B 31 -15.50 -10.40 9.86
C HIS B 31 -16.59 -9.70 10.67
N PRO B 32 -16.48 -9.64 12.02
CA PRO B 32 -15.36 -10.07 12.89
C PRO B 32 -15.37 -11.59 13.18
N PRO B 33 -14.34 -12.14 13.88
CA PRO B 33 -14.27 -13.61 14.10
C PRO B 33 -15.33 -14.28 14.99
N HIS B 34 -16.16 -13.51 15.69
CA HIS B 34 -17.23 -14.01 16.57
C HIS B 34 -18.28 -14.64 15.67
N ILE B 35 -18.57 -15.93 15.89
CA ILE B 35 -19.46 -16.74 15.07
C ILE B 35 -20.00 -17.93 15.89
N GLU B 36 -21.24 -18.35 15.57
CA GLU B 36 -21.90 -19.49 16.20
C GLU B 36 -22.27 -20.47 15.10
N ILE B 37 -21.64 -21.66 15.09
CA ILE B 37 -21.88 -22.66 14.07
C ILE B 37 -22.49 -23.91 14.68
N GLN B 38 -23.61 -24.33 14.09
CA GLN B 38 -24.32 -25.51 14.52
C GLN B 38 -24.50 -26.42 13.35
N MET B 39 -24.44 -27.72 13.58
CA MET B 39 -24.71 -28.71 12.55
C MET B 39 -25.96 -29.43 12.99
N LEU B 40 -26.95 -29.54 12.08
CA LEU B 40 -28.26 -30.10 12.44
C LEU B 40 -28.63 -31.33 11.67
N LYS B 41 -29.36 -32.23 12.34
CA LYS B 41 -29.96 -33.42 11.76
C LYS B 41 -31.46 -33.30 12.02
N ASN B 42 -32.25 -33.14 10.94
CA ASN B 42 -33.70 -32.96 10.99
C ASN B 42 -34.07 -31.74 11.86
N GLY B 43 -33.35 -30.64 11.65
CA GLY B 43 -33.53 -29.38 12.36
C GLY B 43 -33.09 -29.31 13.81
N LYS B 44 -32.68 -30.44 14.40
CA LYS B 44 -32.23 -30.55 15.78
C LYS B 44 -30.68 -30.61 15.81
N LYS B 45 -30.08 -29.79 16.68
CA LYS B 45 -28.64 -29.64 16.89
C LYS B 45 -27.94 -30.97 17.20
N ILE B 46 -26.92 -31.31 16.37
CA ILE B 46 -26.07 -32.49 16.53
C ILE B 46 -25.14 -32.21 17.70
N PRO B 47 -25.07 -33.09 18.73
CA PRO B 47 -24.24 -32.77 19.91
C PRO B 47 -22.73 -32.91 19.71
N LYS B 48 -22.26 -33.88 18.89
CA LYS B 48 -20.82 -34.10 18.71
C LYS B 48 -20.28 -33.40 17.43
N VAL B 49 -19.97 -32.08 17.53
CA VAL B 49 -19.47 -31.30 16.40
C VAL B 49 -18.09 -30.77 16.76
N GLU B 50 -17.08 -31.11 15.96
CA GLU B 50 -15.70 -30.68 16.18
C GLU B 50 -15.39 -29.47 15.30
N MET B 51 -14.71 -28.48 15.88
CA MET B 51 -14.34 -27.25 15.20
C MET B 51 -12.86 -27.14 15.10
N SER B 52 -12.38 -26.61 13.97
CA SER B 52 -10.96 -26.35 13.82
C SER B 52 -10.66 -25.05 14.60
N ASP B 53 -9.39 -24.68 14.73
CA ASP B 53 -9.04 -23.43 15.37
C ASP B 53 -9.25 -22.29 14.38
N MET B 54 -9.81 -21.17 14.86
CA MET B 54 -10.03 -19.98 14.06
C MET B 54 -8.71 -19.59 13.41
N SER B 55 -8.69 -19.48 12.11
CA SER B 55 -7.53 -19.13 11.30
C SER B 55 -7.98 -18.16 10.24
N PHE B 56 -7.04 -17.60 9.46
CA PHE B 56 -7.36 -16.65 8.37
C PHE B 56 -6.38 -16.79 7.22
N SER B 57 -6.80 -16.32 6.05
CA SER B 57 -6.07 -16.38 4.78
C SER B 57 -5.20 -15.18 4.61
N LYS B 58 -4.31 -15.21 3.58
CA LYS B 58 -3.38 -14.13 3.24
C LYS B 58 -4.09 -12.76 3.17
N ASP B 59 -5.34 -12.76 2.68
CA ASP B 59 -6.14 -11.56 2.47
C ASP B 59 -7.00 -11.19 3.71
N TRP B 60 -6.70 -11.82 4.87
CA TRP B 60 -7.26 -11.59 6.21
C TRP B 60 -8.70 -12.14 6.39
N SER B 61 -9.16 -12.90 5.40
CA SER B 61 -10.47 -13.53 5.44
C SER B 61 -10.44 -14.71 6.44
N PHE B 62 -11.29 -14.65 7.46
CA PHE B 62 -11.42 -15.71 8.46
C PHE B 62 -12.03 -16.99 7.85
N TYR B 63 -11.69 -18.14 8.42
CA TYR B 63 -12.15 -19.45 7.99
C TYR B 63 -12.11 -20.41 9.13
N ILE B 64 -13.09 -21.29 9.17
CA ILE B 64 -13.29 -22.29 10.20
C ILE B 64 -13.97 -23.48 9.56
N LEU B 65 -13.61 -24.67 10.02
CA LEU B 65 -14.21 -25.90 9.52
C LEU B 65 -14.81 -26.65 10.66
N ALA B 66 -16.11 -26.87 10.55
CA ALA B 66 -16.86 -27.67 11.47
C ALA B 66 -17.10 -29.02 10.80
N HIS B 67 -16.97 -30.09 11.55
CA HIS B 67 -17.23 -31.41 10.95
C HIS B 67 -17.89 -32.32 11.97
N THR B 68 -18.64 -33.33 11.50
CA THR B 68 -19.33 -34.28 12.37
C THR B 68 -19.46 -35.62 11.69
N GLU B 69 -19.54 -36.68 12.49
CA GLU B 69 -19.79 -38.03 12.03
C GLU B 69 -21.28 -38.15 11.76
N PHE B 70 -21.63 -38.71 10.60
CA PHE B 70 -23.03 -38.85 10.23
C PHE B 70 -23.21 -40.07 9.36
N THR B 71 -24.42 -40.57 9.30
CA THR B 71 -24.78 -41.72 8.48
C THR B 71 -25.88 -41.22 7.53
N PRO B 72 -25.57 -40.95 6.24
CA PRO B 72 -26.63 -40.44 5.34
C PRO B 72 -27.75 -41.46 5.18
N THR B 73 -28.97 -40.95 5.02
CA THR B 73 -30.17 -41.76 4.95
C THR B 73 -31.10 -41.17 3.84
N GLU B 74 -32.17 -41.89 3.49
CA GLU B 74 -33.15 -41.50 2.49
C GLU B 74 -34.12 -40.43 3.01
N THR B 75 -34.33 -40.33 4.35
CA THR B 75 -35.34 -39.47 5.00
C THR B 75 -34.78 -38.31 5.87
N ASP B 76 -33.49 -38.38 6.25
CA ASP B 76 -32.86 -37.38 7.10
C ASP B 76 -32.31 -36.21 6.33
N THR B 77 -32.46 -35.01 6.92
CA THR B 77 -31.94 -33.76 6.37
C THR B 77 -30.80 -33.30 7.28
N TYR B 78 -29.77 -32.74 6.69
CA TYR B 78 -28.59 -32.27 7.42
C TYR B 78 -28.33 -30.87 7.04
N ALA B 79 -27.91 -30.07 8.00
CA ALA B 79 -27.70 -28.66 7.72
C ALA B 79 -26.60 -28.06 8.57
N CYS B 80 -26.12 -26.94 8.12
CA CYS B 80 -25.19 -26.12 8.87
C CYS B 80 -25.80 -24.73 9.01
N ARG B 81 -26.05 -24.33 10.24
CA ARG B 81 -26.63 -23.04 10.60
C ARG B 81 -25.55 -22.16 11.23
N VAL B 82 -25.41 -20.96 10.68
CA VAL B 82 -24.45 -19.99 11.14
C VAL B 82 -25.18 -18.70 11.57
N LYS B 83 -24.80 -18.15 12.75
CA LYS B 83 -25.29 -16.88 13.29
C LYS B 83 -24.10 -15.95 13.37
N HIS B 84 -24.20 -14.78 12.70
CA HIS B 84 -23.15 -13.76 12.64
C HIS B 84 -23.82 -12.39 12.53
N ALA B 85 -23.26 -11.39 13.23
CA ALA B 85 -23.72 -10.01 13.34
C ALA B 85 -23.85 -9.28 12.00
N SER B 86 -23.24 -9.81 10.92
CA SER B 86 -23.30 -9.22 9.57
C SER B 86 -24.65 -9.52 8.90
N MET B 87 -25.42 -10.44 9.52
CA MET B 87 -26.70 -10.93 9.05
C MET B 87 -27.82 -10.67 10.04
N ALA B 88 -28.96 -10.23 9.51
CA ALA B 88 -30.16 -9.99 10.31
C ALA B 88 -30.67 -11.32 10.86
N GLU B 89 -30.60 -12.39 10.03
CA GLU B 89 -31.06 -13.74 10.39
C GLU B 89 -29.94 -14.81 10.35
N PRO B 90 -30.06 -15.94 11.10
CA PRO B 90 -29.11 -17.04 10.90
C PRO B 90 -29.21 -17.61 9.48
N LYS B 91 -28.07 -17.99 8.89
CA LYS B 91 -28.05 -18.61 7.57
C LYS B 91 -27.91 -20.12 7.71
N THR B 92 -28.86 -20.85 7.13
CA THR B 92 -28.89 -22.31 7.12
C THR B 92 -28.69 -22.78 5.68
N VAL B 93 -27.73 -23.67 5.48
CA VAL B 93 -27.52 -24.29 4.17
C VAL B 93 -27.54 -25.78 4.43
N TYR B 94 -28.45 -26.43 3.71
CA TYR B 94 -28.74 -27.84 3.80
C TYR B 94 -27.80 -28.61 2.94
N TRP B 95 -27.43 -29.81 3.42
CA TRP B 95 -26.61 -30.72 2.66
C TRP B 95 -27.43 -31.27 1.50
N ASP B 96 -26.89 -31.13 0.30
CA ASP B 96 -27.43 -31.67 -0.92
C ASP B 96 -26.31 -32.50 -1.57
N ARG B 97 -26.39 -33.84 -1.46
CA ARG B 97 -25.35 -34.77 -1.96
C ARG B 97 -25.05 -34.64 -3.44
N ASP B 98 -26.05 -34.17 -4.23
CA ASP B 98 -26.03 -33.95 -5.67
C ASP B 98 -25.34 -32.63 -6.12
N MET B 99 -25.32 -31.56 -5.28
CA MET B 99 -24.71 -30.26 -5.63
C MET B 99 -23.20 -30.36 -5.73
N TYR C 5 23.35 18.05 -11.04
CA TYR C 5 22.58 18.20 -9.79
C TYR C 5 22.67 19.63 -9.22
N THR C 6 21.51 20.29 -8.96
CA THR C 6 21.48 21.64 -8.38
C THR C 6 21.10 21.53 -6.92
N PHE C 7 21.94 22.10 -6.07
CA PHE C 7 21.67 22.25 -4.65
C PHE C 7 20.97 23.62 -4.49
N ARG C 8 19.79 23.66 -3.87
CA ARG C 8 19.09 24.95 -3.69
C ARG C 8 18.28 25.00 -2.41
N CYS C 9 18.48 26.10 -1.66
CA CYS C 9 17.78 26.50 -0.45
C CYS C 9 16.72 27.46 -0.92
N LEU C 10 15.44 27.07 -0.87
CA LEU C 10 14.33 27.91 -1.34
C LEU C 10 13.58 28.47 -0.19
N GLN C 11 13.54 29.79 -0.10
CA GLN C 11 12.81 30.47 0.97
C GLN C 11 11.59 31.25 0.42
N THR C 12 10.42 31.00 1.03
CA THR C 12 9.18 31.70 0.71
C THR C 12 8.86 32.59 1.94
N SER C 13 8.90 33.93 1.75
CA SER C 13 8.57 34.88 2.86
C SER C 13 7.37 35.79 2.48
N SER C 14 6.36 35.80 3.36
CA SER C 14 5.12 36.58 3.21
C SER C 14 4.97 37.56 4.35
N PHE C 15 4.78 38.83 4.02
CA PHE C 15 4.60 39.94 4.99
C PHE C 15 3.27 40.56 4.66
N ALA C 16 2.25 40.26 5.45
CA ALA C 16 0.90 40.73 5.11
C ALA C 16 0.66 42.13 5.61
N ASN C 17 1.01 42.37 6.87
CA ASN C 17 0.86 43.64 7.56
C ASN C 17 2.10 43.89 8.44
N ILE C 18 2.13 45.02 9.17
CA ILE C 18 3.27 45.44 10.01
C ILE C 18 3.64 44.40 11.10
N SER C 19 2.72 43.47 11.41
CA SER C 19 2.95 42.49 12.48
C SER C 19 3.11 41.05 11.95
N TRP C 20 2.18 40.57 11.08
CA TRP C 20 2.17 39.23 10.53
C TRP C 20 3.14 39.04 9.37
N SER C 21 4.04 38.09 9.54
CA SER C 21 4.94 37.62 8.51
C SER C 21 5.23 36.17 8.76
N ARG C 22 5.45 35.42 7.68
CA ARG C 22 5.91 34.05 7.84
C ARG C 22 6.93 33.76 6.77
N THR C 23 7.95 33.01 7.16
CA THR C 23 9.05 32.56 6.30
C THR C 23 9.13 31.07 6.44
N ASP C 24 9.02 30.38 5.30
CA ASP C 24 9.11 28.91 5.21
C ASP C 24 10.12 28.56 4.19
N SER C 25 10.95 27.56 4.49
CA SER C 25 12.05 27.16 3.61
C SER C 25 12.20 25.66 3.49
N LEU C 26 12.82 25.24 2.42
CA LEU C 26 13.13 23.84 2.18
C LEU C 26 14.43 23.81 1.41
N ILE C 27 15.09 22.65 1.39
CA ILE C 27 16.35 22.47 0.67
C ILE C 27 16.17 21.26 -0.25
N LEU C 28 16.52 21.43 -1.53
CA LEU C 28 16.47 20.38 -2.54
C LEU C 28 17.83 20.13 -3.15
N LEU C 29 18.15 18.86 -3.37
CA LEU C 29 19.36 18.41 -4.06
C LEU C 29 18.85 17.63 -5.25
N GLY C 30 18.91 18.24 -6.42
CA GLY C 30 18.29 17.68 -7.62
C GLY C 30 16.79 17.81 -7.44
N ASP C 31 16.03 16.70 -7.59
CA ASP C 31 14.58 16.70 -7.41
C ASP C 31 14.20 16.04 -6.05
N LEU C 32 15.17 15.96 -5.11
CA LEU C 32 14.94 15.33 -3.80
C LEU C 32 15.02 16.37 -2.71
N GLN C 33 13.98 16.44 -1.88
CA GLN C 33 13.97 17.35 -0.75
C GLN C 33 14.80 16.76 0.38
N THR C 34 15.80 17.53 0.85
CA THR C 34 16.73 17.10 1.90
C THR C 34 16.42 17.78 3.26
N HIS C 35 15.93 19.02 3.24
CA HIS C 35 15.62 19.73 4.49
C HIS C 35 14.29 20.44 4.44
N ARG C 36 13.78 20.77 5.61
CA ARG C 36 12.54 21.49 5.84
C ARG C 36 12.73 22.49 6.98
N TRP C 37 12.14 23.69 6.84
CA TRP C 37 12.19 24.67 7.91
C TRP C 37 10.94 25.56 7.85
N SER C 38 9.93 25.21 8.67
CA SER C 38 8.65 25.94 8.74
C SER C 38 8.82 27.14 9.66
N ASN C 39 7.91 28.13 9.56
CA ASN C 39 8.00 29.35 10.35
C ASN C 39 8.06 29.12 11.86
N ASP C 40 7.13 28.32 12.40
CA ASP C 40 7.03 28.10 13.86
C ASP C 40 8.18 27.22 14.41
N SER C 41 8.81 26.41 13.55
CA SER C 41 9.95 25.56 13.94
C SER C 41 11.24 26.39 14.11
N ALA C 42 11.95 26.16 15.23
CA ALA C 42 13.20 26.85 15.60
C ALA C 42 14.43 26.19 14.99
N ILE C 43 14.33 24.89 14.71
CA ILE C 43 15.37 24.04 14.15
C ILE C 43 14.97 23.54 12.75
N ILE C 44 15.98 23.27 11.90
CA ILE C 44 15.83 22.74 10.54
C ILE C 44 15.69 21.23 10.66
N SER C 45 14.72 20.65 9.96
CA SER C 45 14.47 19.23 9.97
C SER C 45 15.08 18.55 8.76
N PHE C 46 15.60 17.34 8.96
CA PHE C 46 16.13 16.49 7.90
C PHE C 46 14.96 15.69 7.34
N THR C 47 14.83 15.65 6.01
CA THR C 47 13.75 14.86 5.38
C THR C 47 14.35 13.59 4.74
N LYS C 48 15.67 13.39 4.91
CA LYS C 48 16.43 12.23 4.41
C LYS C 48 17.38 11.70 5.51
N PRO C 49 17.71 10.39 5.54
CA PRO C 49 18.71 9.91 6.52
C PRO C 49 20.14 10.47 6.26
N TRP C 50 20.42 10.97 5.05
CA TRP C 50 21.72 11.48 4.63
C TRP C 50 21.81 13.03 4.54
N SER C 51 20.81 13.76 5.10
CA SER C 51 20.71 15.21 5.03
C SER C 51 21.82 15.98 5.74
N GLN C 52 22.54 15.37 6.69
CA GLN C 52 23.68 16.05 7.36
C GLN C 52 24.90 16.12 6.44
N GLY C 53 24.85 15.40 5.32
CA GLY C 53 25.94 15.30 4.35
C GLY C 53 27.16 14.68 5.01
N LYS C 54 28.33 15.25 4.80
CA LYS C 54 29.58 14.78 5.40
C LYS C 54 29.95 15.69 6.60
N LEU C 55 28.99 16.50 7.07
CA LEU C 55 29.24 17.40 8.20
C LEU C 55 29.18 16.65 9.52
N SER C 56 30.04 17.08 10.44
CA SER C 56 30.06 16.60 11.81
C SER C 56 28.95 17.33 12.53
N ASN C 57 28.52 16.82 13.67
CA ASN C 57 27.45 17.45 14.43
C ASN C 57 27.81 18.89 14.85
N GLN C 58 29.10 19.18 15.08
CA GLN C 58 29.55 20.51 15.47
C GLN C 58 29.44 21.44 14.23
N GLN C 59 29.83 20.96 13.03
CA GLN C 59 29.74 21.67 11.75
C GLN C 59 28.28 21.93 11.34
N TRP C 60 27.36 20.94 11.57
CA TRP C 60 25.94 21.09 11.24
C TRP C 60 25.27 22.14 12.15
N GLU C 61 25.59 22.12 13.46
CA GLU C 61 25.07 23.06 14.45
C GLU C 61 25.48 24.49 14.17
N LYS C 62 26.73 24.71 13.70
CA LYS C 62 27.22 26.04 13.34
C LYS C 62 26.44 26.54 12.10
N LEU C 63 26.20 25.66 11.11
CA LEU C 63 25.43 25.95 9.89
C LEU C 63 23.96 26.28 10.26
N GLN C 64 23.33 25.46 11.16
CA GLN C 64 21.97 25.69 11.64
C GLN C 64 21.87 27.01 12.44
N HIS C 65 22.85 27.30 13.30
CA HIS C 65 22.86 28.52 14.11
C HIS C 65 22.88 29.77 13.21
N MET C 66 23.71 29.75 12.16
CA MET C 66 23.83 30.83 11.20
C MET C 66 22.44 31.13 10.57
N PHE C 67 21.72 30.07 10.12
CA PHE C 67 20.38 30.15 9.57
C PHE C 67 19.38 30.76 10.57
N GLN C 68 19.48 30.40 11.87
CA GLN C 68 18.60 30.87 12.95
C GLN C 68 18.74 32.40 13.14
N VAL C 69 19.99 32.88 13.20
CA VAL C 69 20.36 34.28 13.31
C VAL C 69 19.88 35.03 12.07
N TYR C 70 20.08 34.44 10.87
CA TYR C 70 19.70 35.03 9.60
C TYR C 70 18.21 35.21 9.44
N ARG C 71 17.40 34.22 9.87
CA ARG C 71 15.95 34.28 9.68
C ARG C 71 15.34 35.49 10.46
N VAL C 72 15.77 35.73 11.70
CA VAL C 72 15.28 36.83 12.55
C VAL C 72 15.74 38.17 11.94
N SER C 73 17.02 38.24 11.51
CA SER C 73 17.66 39.39 10.87
C SER C 73 16.97 39.74 9.56
N PHE C 74 16.71 38.73 8.72
CA PHE C 74 16.02 38.91 7.43
C PHE C 74 14.63 39.56 7.66
N THR C 75 13.86 39.04 8.64
CA THR C 75 12.49 39.47 8.96
C THR C 75 12.53 40.94 9.39
N ARG C 76 13.47 41.29 10.31
CA ARG C 76 13.77 42.62 10.87
C ARG C 76 14.18 43.61 9.78
N ASP C 77 15.01 43.17 8.84
CA ASP C 77 15.50 43.97 7.72
C ASP C 77 14.38 44.39 6.81
N ILE C 78 13.51 43.44 6.40
CA ILE C 78 12.39 43.71 5.51
C ILE C 78 11.41 44.69 6.15
N GLN C 79 11.08 44.50 7.42
CA GLN C 79 10.15 45.38 8.14
C GLN C 79 10.69 46.80 8.22
N GLU C 80 12.04 46.96 8.30
CA GLU C 80 12.72 48.24 8.37
C GLU C 80 12.68 48.96 7.03
N LEU C 81 13.00 48.25 5.94
CA LEU C 81 13.00 48.75 4.56
C LEU C 81 11.60 49.13 4.12
N VAL C 82 10.56 48.48 4.69
CA VAL C 82 9.15 48.83 4.41
C VAL C 82 8.90 50.21 5.02
N LYS C 83 9.42 50.44 6.25
CA LYS C 83 9.31 51.73 6.95
C LYS C 83 10.00 52.86 6.17
N MET C 84 11.16 52.57 5.56
CA MET C 84 11.93 53.53 4.77
C MET C 84 11.32 53.82 3.43
N MET C 85 10.51 52.88 2.89
CA MET C 85 9.97 53.03 1.55
C MET C 85 8.45 53.32 1.52
N SER C 86 7.75 53.26 2.68
CA SER C 86 6.32 53.54 2.75
C SER C 86 6.08 55.06 2.56
N PRO C 87 4.96 55.51 1.94
CA PRO C 87 3.83 54.73 1.41
C PRO C 87 4.03 54.32 -0.04
N LYS C 88 5.21 54.66 -0.64
CA LYS C 88 5.55 54.34 -2.03
C LYS C 88 5.43 52.84 -2.24
N GLU C 89 5.89 52.05 -1.25
CA GLU C 89 5.79 50.60 -1.21
C GLU C 89 5.39 50.16 0.19
N ASP C 90 4.39 49.29 0.24
CA ASP C 90 3.85 48.83 1.52
C ASP C 90 3.36 47.39 1.43
N TYR C 91 2.89 46.85 2.56
CA TYR C 91 2.33 45.54 2.73
C TYR C 91 1.06 45.37 1.89
N PRO C 92 0.80 44.17 1.32
CA PRO C 92 1.56 42.92 1.43
C PRO C 92 2.82 42.88 0.57
N ILE C 93 3.86 42.21 1.11
CA ILE C 93 5.18 42.01 0.50
C ILE C 93 5.45 40.49 0.42
N GLU C 94 5.70 40.04 -0.81
CA GLU C 94 6.02 38.66 -1.18
C GLU C 94 7.47 38.57 -1.64
N ILE C 95 8.28 37.79 -0.89
CA ILE C 95 9.69 37.58 -1.23
C ILE C 95 9.96 36.07 -1.40
N GLN C 96 10.70 35.74 -2.47
CA GLN C 96 11.20 34.41 -2.80
C GLN C 96 12.70 34.50 -2.96
N LEU C 97 13.38 33.66 -2.23
CA LEU C 97 14.81 33.60 -2.24
C LEU C 97 15.26 32.20 -2.68
N SER C 98 16.28 32.14 -3.55
CA SER C 98 16.87 30.91 -4.02
C SER C 98 18.39 31.04 -3.98
N THR C 99 19.03 30.21 -3.14
CA THR C 99 20.49 30.26 -3.01
C THR C 99 21.04 28.83 -2.93
N GLY C 100 22.17 28.62 -3.56
CA GLY C 100 22.82 27.32 -3.58
C GLY C 100 23.93 27.30 -4.61
N CYS C 101 24.11 26.16 -5.27
CA CYS C 101 25.10 25.95 -6.33
C CYS C 101 24.72 24.79 -7.22
N GLU C 102 25.07 24.95 -8.51
CA GLU C 102 24.92 23.94 -9.53
C GLU C 102 26.19 23.08 -9.50
N MET C 103 26.03 21.77 -9.26
CA MET C 103 27.14 20.81 -9.19
C MET C 103 27.45 20.25 -10.57
N TYR C 104 28.72 20.41 -10.98
CA TYR C 104 29.27 19.93 -12.26
C TYR C 104 30.31 18.83 -12.00
N PRO C 105 30.41 17.78 -12.86
CA PRO C 105 31.41 16.71 -12.61
C PRO C 105 32.86 17.23 -12.67
N GLY C 106 33.62 16.90 -11.60
CA GLY C 106 35.02 17.27 -11.44
C GLY C 106 35.29 18.29 -10.35
N ASN C 107 34.58 18.17 -9.21
CA ASN C 107 34.65 19.05 -8.03
C ASN C 107 34.33 20.55 -8.37
N ALA C 108 33.81 20.85 -9.59
CA ALA C 108 33.46 22.20 -10.06
C ALA C 108 32.00 22.56 -9.73
N SER C 109 31.77 23.85 -9.37
CA SER C 109 30.44 24.37 -9.03
C SER C 109 30.30 25.88 -9.27
N GLU C 110 29.06 26.33 -9.56
CA GLU C 110 28.67 27.71 -9.79
C GLU C 110 27.58 28.10 -8.77
N SER C 111 27.93 28.97 -7.81
CA SER C 111 27.04 29.43 -6.75
C SER C 111 26.12 30.59 -7.15
N PHE C 112 24.96 30.74 -6.44
CA PHE C 112 23.96 31.79 -6.73
C PHE C 112 23.18 32.18 -5.49
N PHE C 113 22.66 33.41 -5.47
CA PHE C 113 21.75 33.95 -4.45
C PHE C 113 20.83 34.91 -5.21
N HIS C 114 19.63 34.46 -5.55
CA HIS C 114 18.63 35.22 -6.32
C HIS C 114 17.41 35.52 -5.49
N VAL C 115 16.84 36.70 -5.70
CA VAL C 115 15.68 37.19 -4.96
C VAL C 115 14.60 37.71 -5.93
N ALA C 116 13.36 37.12 -5.85
CA ALA C 116 12.17 37.59 -6.55
C ALA C 116 11.41 38.47 -5.58
N PHE C 117 10.84 39.55 -6.09
CA PHE C 117 10.02 40.50 -5.31
C PHE C 117 8.68 40.61 -6.03
N GLN C 118 7.59 40.30 -5.30
CA GLN C 118 6.21 40.26 -5.80
C GLN C 118 6.11 39.35 -7.05
N GLY C 119 6.82 38.20 -6.98
CA GLY C 119 6.85 37.17 -8.02
C GLY C 119 7.76 37.40 -9.21
N LYS C 120 8.51 38.52 -9.24
CA LYS C 120 9.43 38.80 -10.34
C LYS C 120 10.89 38.89 -9.86
N TYR C 121 11.80 38.25 -10.61
CA TYR C 121 13.24 38.27 -10.34
C TYR C 121 13.69 39.73 -10.17
N ALA C 122 14.31 40.07 -9.04
CA ALA C 122 14.65 41.44 -8.69
C ALA C 122 16.11 41.69 -8.23
N VAL C 123 16.67 40.81 -7.36
CA VAL C 123 18.03 41.01 -6.84
C VAL C 123 18.86 39.73 -7.01
N ARG C 124 20.18 39.89 -7.21
CA ARG C 124 21.18 38.81 -7.28
C ARG C 124 22.41 39.24 -6.43
N PHE C 125 23.07 38.31 -5.74
CA PHE C 125 24.32 38.61 -5.04
C PHE C 125 25.47 38.12 -5.90
N ARG C 126 26.35 39.04 -6.32
CA ARG C 126 27.54 38.74 -7.11
C ARG C 126 28.71 39.54 -6.59
N GLY C 127 29.87 38.90 -6.57
CA GLY C 127 31.10 39.50 -6.10
C GLY C 127 31.06 39.80 -4.64
N THR C 128 30.89 41.08 -4.33
CA THR C 128 30.91 41.68 -3.01
C THR C 128 29.64 42.47 -2.71
N SER C 129 28.66 42.47 -3.63
CA SER C 129 27.48 43.31 -3.40
C SER C 129 26.18 42.75 -3.97
N TRP C 130 25.06 43.28 -3.49
CA TRP C 130 23.74 43.01 -4.04
C TRP C 130 23.59 43.90 -5.28
N GLN C 131 22.96 43.37 -6.31
CA GLN C 131 22.74 44.05 -7.57
C GLN C 131 21.30 43.96 -8.00
N ARG C 132 20.77 45.06 -8.55
CA ARG C 132 19.44 45.06 -9.14
C ARG C 132 19.56 44.42 -10.53
N VAL C 133 18.66 43.50 -10.83
CA VAL C 133 18.64 42.79 -12.10
C VAL C 133 18.06 43.75 -13.19
N LEU C 134 18.63 43.68 -14.41
CA LEU C 134 18.21 44.48 -15.58
C LEU C 134 16.69 44.35 -15.78
N GLY C 135 15.98 45.49 -15.72
CA GLY C 135 14.52 45.56 -15.85
C GLY C 135 13.73 45.56 -14.55
N ALA C 136 14.41 45.27 -13.40
CA ALA C 136 13.72 45.30 -12.11
C ALA C 136 13.54 46.76 -11.73
N PRO C 137 12.44 47.12 -11.01
CA PRO C 137 12.15 48.55 -10.73
C PRO C 137 13.31 49.30 -10.07
N SER C 138 13.63 50.49 -10.60
CA SER C 138 14.75 51.33 -10.19
C SER C 138 14.68 51.77 -8.74
N TRP C 139 13.48 51.85 -8.15
CA TRP C 139 13.35 52.29 -6.76
C TRP C 139 13.96 51.23 -5.79
N LEU C 140 14.22 50.00 -6.27
CA LEU C 140 14.88 48.95 -5.50
C LEU C 140 16.32 49.33 -5.17
N ASP C 141 16.88 50.35 -5.87
CA ASP C 141 18.24 50.87 -5.68
C ASP C 141 18.47 51.37 -4.26
N LEU C 142 17.45 51.96 -3.64
CA LEU C 142 17.53 52.48 -2.30
C LEU C 142 17.67 51.34 -1.26
N PRO C 143 16.74 50.33 -1.15
CA PRO C 143 16.98 49.22 -0.20
C PRO C 143 18.27 48.42 -0.49
N ILE C 144 18.69 48.35 -1.78
CA ILE C 144 19.90 47.66 -2.24
C ILE C 144 21.14 48.44 -1.73
N LYS C 145 21.05 49.78 -1.66
CA LYS C 145 22.13 50.61 -1.16
C LYS C 145 22.22 50.44 0.35
N VAL C 146 21.05 50.44 1.07
CA VAL C 146 20.99 50.22 2.52
C VAL C 146 21.65 48.86 2.88
N LEU C 147 21.24 47.77 2.23
CA LEU C 147 21.78 46.42 2.41
C LEU C 147 23.27 46.32 2.14
N ASN C 148 23.74 46.99 1.08
CA ASN C 148 25.15 46.99 0.67
C ASN C 148 26.07 47.71 1.65
N ALA C 149 25.53 48.57 2.53
CA ALA C 149 26.30 49.31 3.55
C ALA C 149 26.85 48.37 4.62
N ASP C 150 26.13 47.26 4.89
CA ASP C 150 26.50 46.22 5.84
C ASP C 150 27.53 45.31 5.19
N GLN C 151 28.82 45.62 5.44
CA GLN C 151 30.01 44.93 4.92
C GLN C 151 30.15 43.56 5.51
N GLY C 152 29.68 43.40 6.76
CA GLY C 152 29.71 42.16 7.54
C GLY C 152 28.84 41.08 6.95
N THR C 153 27.57 41.45 6.66
CA THR C 153 26.60 40.55 6.01
C THR C 153 27.10 40.16 4.64
N SER C 154 27.64 41.15 3.87
CA SER C 154 28.15 40.87 2.52
C SER C 154 29.19 39.79 2.57
N ALA C 155 30.13 39.93 3.53
CA ALA C 155 31.22 38.99 3.78
C ALA C 155 30.68 37.57 4.06
N THR C 156 29.57 37.45 4.86
CA THR C 156 28.94 36.14 5.15
C THR C 156 28.37 35.54 3.88
N VAL C 157 27.70 36.36 3.04
CA VAL C 157 27.09 35.90 1.78
C VAL C 157 28.20 35.42 0.84
N GLN C 158 29.34 36.11 0.83
CA GLN C 158 30.51 35.72 0.02
C GLN C 158 31.04 34.37 0.52
N THR C 159 31.13 34.19 1.86
CA THR C 159 31.54 32.93 2.53
C THR C 159 30.57 31.82 2.11
N LEU C 160 29.27 32.11 2.21
CA LEU C 160 28.18 31.21 1.87
C LEU C 160 28.28 30.71 0.43
N LEU C 161 28.43 31.63 -0.52
CA LEU C 161 28.53 31.27 -1.92
C LEU C 161 29.88 30.66 -2.31
N ASN C 162 30.99 31.15 -1.73
CA ASN C 162 32.31 30.65 -2.10
C ASN C 162 32.76 29.40 -1.32
N ASP C 163 32.31 29.24 -0.04
CA ASP C 163 32.77 28.16 0.84
C ASP C 163 31.67 27.22 1.39
N THR C 164 30.63 27.76 2.06
CA THR C 164 29.60 26.94 2.70
C THR C 164 28.87 26.08 1.69
N TRP C 165 28.27 26.68 0.61
CA TRP C 165 27.46 25.94 -0.38
C TRP C 165 28.29 24.91 -1.15
N PRO C 166 29.37 25.24 -1.88
CA PRO C 166 30.08 24.18 -2.63
C PRO C 166 30.55 22.98 -1.78
N GLN C 167 31.05 23.23 -0.54
CA GLN C 167 31.55 22.20 0.39
C GLN C 167 30.41 21.36 1.02
N PHE C 168 29.34 22.02 1.52
CA PHE C 168 28.22 21.29 2.10
C PHE C 168 27.52 20.45 1.04
N ALA C 169 27.28 21.04 -0.16
CA ALA C 169 26.58 20.40 -1.28
C ALA C 169 27.32 19.19 -1.84
N ARG C 170 28.68 19.23 -1.92
CA ARG C 170 29.47 18.07 -2.40
C ARG C 170 29.34 16.87 -1.44
N GLY C 171 29.38 17.16 -0.14
CA GLY C 171 29.19 16.20 0.93
C GLY C 171 27.80 15.61 0.93
N LEU C 172 26.80 16.47 0.69
CA LEU C 172 25.40 16.09 0.57
C LEU C 172 25.21 15.19 -0.64
N LEU C 173 25.84 15.58 -1.77
CA LEU C 173 25.82 14.82 -3.04
C LEU C 173 26.40 13.40 -2.85
N GLU C 174 27.53 13.28 -2.10
CA GLU C 174 28.23 12.02 -1.79
C GLU C 174 27.38 11.10 -0.92
N ALA C 175 26.82 11.64 0.18
CA ALA C 175 25.97 10.91 1.12
C ALA C 175 24.61 10.51 0.48
N GLY C 176 24.15 11.30 -0.50
CA GLY C 176 22.87 11.06 -1.15
C GLY C 176 22.91 10.42 -2.52
N LYS C 177 24.12 10.11 -3.02
CA LYS C 177 24.38 9.54 -4.35
C LYS C 177 23.53 8.31 -4.64
N SER C 178 23.47 7.35 -3.69
CA SER C 178 22.72 6.09 -3.88
C SER C 178 21.20 6.36 -4.00
N ASP C 179 20.68 7.35 -3.26
CA ASP C 179 19.27 7.73 -3.33
C ASP C 179 18.94 8.38 -4.68
N LEU C 180 19.82 9.29 -5.14
CA LEU C 180 19.67 10.01 -6.40
C LEU C 180 19.71 9.08 -7.62
N GLU C 181 20.34 7.88 -7.45
CA GLU C 181 20.56 6.85 -8.48
C GLU C 181 19.64 5.60 -8.32
N LYS C 182 18.85 5.54 -7.22
CA LYS C 182 17.89 4.46 -6.96
C LYS C 182 16.92 4.33 -8.13
N GLN C 183 16.55 3.11 -8.43
CA GLN C 183 15.64 2.81 -9.53
C GLN C 183 14.30 2.37 -8.97
N GLU C 184 13.25 3.08 -9.36
CA GLU C 184 11.86 2.77 -8.99
C GLU C 184 11.16 2.43 -10.28
N LYS C 185 10.42 1.32 -10.29
CA LYS C 185 9.78 0.83 -11.50
C LYS C 185 8.45 1.51 -11.78
N PRO C 186 8.22 1.93 -13.05
CA PRO C 186 6.91 2.48 -13.41
C PRO C 186 5.86 1.40 -13.46
N VAL C 187 4.61 1.78 -13.21
CA VAL C 187 3.43 0.91 -13.35
C VAL C 187 2.55 1.62 -14.38
N ALA C 188 2.09 0.90 -15.42
CA ALA C 188 1.23 1.50 -16.43
C ALA C 188 -0.20 0.94 -16.39
N TRP C 189 -1.17 1.79 -16.81
CA TRP C 189 -2.57 1.40 -16.92
C TRP C 189 -3.22 2.23 -18.02
N LEU C 190 -4.25 1.67 -18.64
CA LEU C 190 -4.91 2.32 -19.75
C LEU C 190 -6.34 2.68 -19.47
N SER C 191 -6.81 3.70 -20.20
CA SER C 191 -8.20 4.16 -20.18
C SER C 191 -8.48 4.91 -21.46
N SER C 192 -9.72 5.32 -21.65
CA SER C 192 -10.11 6.07 -22.83
C SER C 192 -11.23 7.03 -22.50
N VAL C 193 -11.24 8.15 -23.19
CA VAL C 193 -12.30 9.15 -23.05
C VAL C 193 -12.83 9.44 -24.45
N PRO C 194 -14.16 9.52 -24.64
CA PRO C 194 -14.69 9.88 -25.97
C PRO C 194 -14.20 11.29 -26.35
N SER C 195 -13.62 11.43 -27.55
CA SER C 195 -13.05 12.68 -28.04
C SER C 195 -14.14 13.67 -28.53
N SER C 196 -13.75 14.96 -28.66
CA SER C 196 -14.57 16.06 -29.15
C SER C 196 -14.65 15.99 -30.69
N ALA C 197 -15.35 14.95 -31.19
CA ALA C 197 -15.61 14.54 -32.58
C ALA C 197 -16.29 13.18 -32.56
N HIS C 198 -17.40 13.00 -33.32
CA HIS C 198 -18.11 11.70 -33.35
C HIS C 198 -17.24 10.63 -34.01
N GLY C 199 -17.18 9.46 -33.39
CA GLY C 199 -16.36 8.35 -33.86
C GLY C 199 -14.87 8.58 -33.63
N HIS C 200 -14.54 9.38 -32.59
CA HIS C 200 -13.17 9.70 -32.20
C HIS C 200 -13.00 9.39 -30.71
N LEU C 201 -11.89 8.74 -30.38
CA LEU C 201 -11.60 8.30 -29.02
C LEU C 201 -10.20 8.72 -28.60
N GLN C 202 -10.07 9.16 -27.33
CA GLN C 202 -8.74 9.51 -26.81
C GLN C 202 -8.30 8.40 -25.88
N LEU C 203 -7.22 7.73 -26.26
CA LEU C 203 -6.58 6.62 -25.55
C LEU C 203 -5.59 7.20 -24.56
N VAL C 204 -5.68 6.78 -23.28
CA VAL C 204 -4.80 7.34 -22.24
C VAL C 204 -3.92 6.25 -21.66
N CYS C 205 -2.61 6.50 -21.69
CA CYS C 205 -1.65 5.62 -21.06
C CYS C 205 -1.07 6.33 -19.86
N HIS C 206 -1.39 5.83 -18.65
CA HIS C 206 -0.96 6.38 -17.37
C HIS C 206 0.27 5.63 -16.89
N VAL C 207 1.34 6.35 -16.53
CA VAL C 207 2.59 5.76 -16.08
C VAL C 207 2.97 6.45 -14.76
N SER C 208 3.07 5.66 -13.67
CA SER C 208 3.33 6.21 -12.34
C SER C 208 4.31 5.40 -11.51
N GLY C 209 5.00 6.08 -10.62
CA GLY C 209 5.92 5.47 -9.65
C GLY C 209 7.35 5.24 -10.04
N PHE C 210 7.75 5.81 -11.17
CA PHE C 210 9.09 5.67 -11.69
C PHE C 210 10.03 6.72 -11.13
N TYR C 211 11.31 6.33 -11.02
CA TYR C 211 12.43 7.12 -10.58
C TYR C 211 13.72 6.50 -11.12
N PRO C 212 14.69 7.26 -11.70
CA PRO C 212 14.73 8.73 -11.92
C PRO C 212 13.69 9.23 -12.94
N LYS C 213 13.64 10.56 -13.14
CA LYS C 213 12.70 11.26 -14.04
C LYS C 213 12.78 10.82 -15.56
N PRO C 214 13.96 10.66 -16.23
CA PRO C 214 13.94 10.28 -17.66
C PRO C 214 13.12 9.01 -17.95
N VAL C 215 12.16 9.13 -18.86
CA VAL C 215 11.27 8.06 -19.29
C VAL C 215 10.88 8.22 -20.77
N TRP C 216 10.46 7.11 -21.41
CA TRP C 216 9.98 7.03 -22.80
C TRP C 216 8.63 6.32 -22.75
N VAL C 217 7.58 6.97 -23.27
CA VAL C 217 6.22 6.41 -23.29
C VAL C 217 5.65 6.65 -24.69
N MET C 218 5.24 5.58 -25.36
CA MET C 218 4.69 5.69 -26.70
C MET C 218 3.58 4.72 -26.98
N TRP C 219 2.56 5.19 -27.68
CA TRP C 219 1.49 4.36 -28.19
C TRP C 219 2.02 3.72 -29.49
N MET C 220 1.80 2.41 -29.65
CA MET C 220 2.33 1.62 -30.75
C MET C 220 1.25 0.82 -31.49
N ARG C 221 1.51 0.56 -32.78
CA ARG C 221 0.79 -0.37 -33.66
C ARG C 221 1.84 -1.42 -34.04
N GLY C 222 2.12 -2.34 -33.12
CA GLY C 222 3.19 -3.33 -33.25
C GLY C 222 4.55 -2.66 -33.07
N ASP C 223 5.31 -2.55 -34.16
CA ASP C 223 6.64 -1.93 -34.28
C ASP C 223 6.54 -0.46 -34.64
N GLN C 224 5.38 -0.04 -35.13
CA GLN C 224 5.14 1.34 -35.55
C GLN C 224 4.81 2.24 -34.36
N GLU C 225 5.62 3.29 -34.15
CA GLU C 225 5.41 4.32 -33.12
C GLU C 225 4.33 5.27 -33.62
N GLN C 226 3.29 5.53 -32.82
CA GLN C 226 2.21 6.42 -33.26
C GLN C 226 2.63 7.85 -32.99
N GLN C 227 3.07 8.59 -34.03
CA GLN C 227 3.59 9.95 -33.86
C GLN C 227 2.57 10.90 -33.22
N GLY C 228 1.30 10.54 -33.28
CA GLY C 228 0.23 11.27 -32.62
C GLY C 228 0.22 11.14 -31.09
N THR C 229 1.20 10.42 -30.50
CA THR C 229 1.33 10.26 -29.05
C THR C 229 1.70 11.62 -28.45
N HIS C 230 0.83 12.13 -27.56
CA HIS C 230 1.04 13.39 -26.88
C HIS C 230 1.28 13.16 -25.38
N ARG C 231 2.48 13.50 -24.94
CA ARG C 231 2.90 13.36 -23.57
C ARG C 231 2.43 14.55 -22.77
N GLY C 232 1.94 14.27 -21.57
CA GLY C 232 1.54 15.29 -20.62
C GLY C 232 2.76 15.83 -19.89
N ASP C 233 2.55 16.63 -18.83
CA ASP C 233 3.65 17.12 -17.99
C ASP C 233 3.99 16.07 -16.94
N PHE C 234 5.21 16.13 -16.41
CA PHE C 234 5.64 15.26 -15.33
C PHE C 234 4.99 15.76 -14.04
N LEU C 235 4.29 14.86 -13.36
CA LEU C 235 3.56 15.23 -12.15
C LEU C 235 4.15 14.48 -10.95
N PRO C 236 4.44 15.18 -9.83
CA PRO C 236 5.07 14.49 -8.70
C PRO C 236 4.11 13.61 -7.92
N ASN C 237 4.70 12.62 -7.27
CA ASN C 237 4.03 11.75 -6.32
C ASN C 237 4.59 12.17 -4.96
N ALA C 238 3.85 11.95 -3.87
CA ALA C 238 4.25 12.27 -2.50
C ALA C 238 5.52 11.51 -2.06
N ASP C 239 5.79 10.35 -2.68
CA ASP C 239 6.96 9.53 -2.36
C ASP C 239 8.19 9.93 -3.21
N GLU C 240 8.05 11.01 -4.04
CA GLU C 240 9.07 11.63 -4.90
C GLU C 240 9.37 10.82 -6.17
N THR C 241 8.45 9.91 -6.54
CA THR C 241 8.49 9.22 -7.82
C THR C 241 7.71 10.10 -8.77
N TRP C 242 7.69 9.75 -10.04
CA TRP C 242 7.03 10.57 -11.04
C TRP C 242 5.83 9.90 -11.67
N TYR C 243 4.93 10.74 -12.19
CA TYR C 243 3.72 10.36 -12.90
C TYR C 243 3.70 11.09 -14.24
N LEU C 244 3.23 10.43 -15.27
CA LEU C 244 3.09 10.99 -16.60
C LEU C 244 1.97 10.24 -17.34
N GLN C 245 1.28 10.92 -18.24
CA GLN C 245 0.32 10.27 -19.09
C GLN C 245 0.58 10.67 -20.53
N ALA C 246 0.41 9.70 -21.45
CA ALA C 246 0.56 9.87 -22.88
C ALA C 246 -0.74 9.47 -23.52
N THR C 247 -1.31 10.37 -24.32
CA THR C 247 -2.58 10.18 -24.99
C THR C 247 -2.43 10.01 -26.50
N LEU C 248 -3.42 9.37 -27.11
CA LEU C 248 -3.48 9.15 -28.54
C LEU C 248 -4.91 9.27 -29.00
N ASP C 249 -5.11 10.14 -30.00
CA ASP C 249 -6.39 10.32 -30.62
C ASP C 249 -6.50 9.36 -31.78
N VAL C 250 -7.58 8.58 -31.78
CA VAL C 250 -7.87 7.55 -32.77
C VAL C 250 -9.33 7.61 -33.21
N GLU C 251 -9.64 7.04 -34.38
CA GLU C 251 -11.01 6.90 -34.87
C GLU C 251 -11.58 5.60 -34.26
N ALA C 252 -12.88 5.58 -33.92
CA ALA C 252 -13.55 4.42 -33.33
C ALA C 252 -13.33 3.16 -34.19
N GLY C 253 -12.88 2.09 -33.55
CA GLY C 253 -12.52 0.81 -34.18
C GLY C 253 -11.01 0.62 -34.34
N GLU C 254 -10.24 1.73 -34.39
CA GLU C 254 -8.78 1.71 -34.56
C GLU C 254 -8.01 1.39 -33.27
N GLU C 255 -8.69 1.19 -32.12
CA GLU C 255 -8.02 0.88 -30.85
C GLU C 255 -7.42 -0.51 -30.83
N ALA C 256 -8.14 -1.47 -31.43
CA ALA C 256 -7.80 -2.89 -31.52
C ALA C 256 -6.40 -3.09 -32.14
N GLY C 257 -5.53 -3.70 -31.35
CA GLY C 257 -4.13 -3.97 -31.70
C GLY C 257 -3.13 -2.98 -31.13
N LEU C 258 -3.62 -1.79 -30.69
CA LEU C 258 -2.76 -0.75 -30.13
C LEU C 258 -2.29 -1.13 -28.75
N ALA C 259 -1.09 -0.67 -28.42
CA ALA C 259 -0.45 -0.92 -27.14
C ALA C 259 0.32 0.30 -26.67
N CYS C 260 0.49 0.40 -25.37
CA CYS C 260 1.32 1.44 -24.78
C CYS C 260 2.64 0.79 -24.36
N ARG C 261 3.73 1.35 -24.84
CA ARG C 261 5.08 0.87 -24.54
C ARG C 261 5.81 1.87 -23.66
N VAL C 262 6.42 1.38 -22.58
CA VAL C 262 7.17 2.26 -21.72
C VAL C 262 8.61 1.67 -21.49
N LYS C 263 9.59 2.51 -21.80
CA LYS C 263 11.02 2.27 -21.59
C LYS C 263 11.45 3.11 -20.41
N HIS C 264 11.94 2.45 -19.38
CA HIS C 264 12.52 3.10 -18.21
C HIS C 264 13.82 2.34 -17.78
N SER C 265 14.81 3.11 -17.27
CA SER C 265 16.12 2.62 -16.82
C SER C 265 16.01 1.50 -15.75
N SER C 266 14.92 1.47 -14.98
CA SER C 266 14.70 0.51 -13.91
C SER C 266 14.22 -0.88 -14.38
N LEU C 267 13.78 -0.99 -15.64
CA LEU C 267 13.22 -2.24 -16.20
C LEU C 267 14.26 -3.11 -16.92
N GLY C 268 15.49 -2.62 -17.02
CA GLY C 268 16.52 -3.25 -17.81
C GLY C 268 16.17 -2.93 -19.25
N GLY C 269 15.97 -3.97 -20.05
CA GLY C 269 15.53 -3.86 -21.44
C GLY C 269 14.12 -4.39 -21.59
N GLN C 270 13.57 -4.93 -20.48
CA GLN C 270 12.23 -5.48 -20.43
C GLN C 270 11.19 -4.35 -20.33
N ASP C 271 10.84 -3.76 -21.50
CA ASP C 271 9.84 -2.70 -21.66
C ASP C 271 8.47 -3.16 -21.24
N ILE C 272 7.64 -2.23 -20.71
CA ILE C 272 6.24 -2.52 -20.43
C ILE C 272 5.51 -2.37 -21.76
N ILE C 273 4.75 -3.38 -22.17
CA ILE C 273 3.95 -3.35 -23.39
C ILE C 273 2.55 -3.72 -22.95
N LEU C 274 1.66 -2.73 -22.95
CA LEU C 274 0.30 -2.90 -22.49
C LEU C 274 -0.69 -2.71 -23.62
N TYR C 275 -1.34 -3.79 -24.04
CA TYR C 275 -2.30 -3.76 -25.16
C TYR C 275 -3.66 -3.26 -24.76
N TRP C 276 -4.30 -2.47 -25.64
CA TRP C 276 -5.68 -1.99 -25.44
C TRP C 276 -6.65 -3.18 -25.44
N GLN D 2 -0.52 39.06 -9.39
CA GLN D 2 -1.40 37.91 -9.15
C GLN D 2 -1.43 36.97 -10.35
N LYS D 3 -1.53 35.65 -10.07
CA LYS D 3 -1.55 34.57 -11.07
C LYS D 3 -2.53 33.45 -10.65
N THR D 4 -3.29 32.93 -11.62
CA THR D 4 -4.34 31.92 -11.39
C THR D 4 -3.73 30.50 -11.26
N PRO D 5 -4.17 29.75 -10.23
CA PRO D 5 -3.65 28.40 -10.06
C PRO D 5 -4.22 27.38 -11.06
N GLN D 6 -3.32 26.54 -11.63
CA GLN D 6 -3.65 25.39 -12.47
C GLN D 6 -3.77 24.18 -11.54
N ILE D 7 -4.82 23.34 -11.70
CA ILE D 7 -5.07 22.19 -10.83
C ILE D 7 -5.10 20.90 -11.63
N GLN D 8 -4.37 19.85 -11.18
CA GLN D 8 -4.36 18.53 -11.83
C GLN D 8 -4.58 17.43 -10.80
N VAL D 9 -5.61 16.58 -11.03
CA VAL D 9 -6.05 15.50 -10.14
C VAL D 9 -5.80 14.14 -10.81
N TYR D 10 -5.02 13.29 -10.15
CA TYR D 10 -4.54 11.98 -10.69
C TYR D 10 -4.23 11.06 -9.52
N SER D 11 -4.26 9.72 -9.73
CA SER D 11 -4.04 8.77 -8.63
C SER D 11 -2.62 8.20 -8.68
N ARG D 12 -2.10 7.67 -7.53
CA ARG D 12 -0.72 7.13 -7.47
C ARG D 12 -0.63 5.81 -8.16
N HIS D 13 -1.67 5.00 -8.00
CA HIS D 13 -1.72 3.65 -8.55
C HIS D 13 -2.89 3.48 -9.53
N PRO D 14 -2.88 2.43 -10.38
CA PRO D 14 -4.05 2.20 -11.24
C PRO D 14 -5.32 2.14 -10.39
N PRO D 15 -6.39 2.85 -10.74
CA PRO D 15 -7.60 2.81 -9.90
C PRO D 15 -8.39 1.49 -10.05
N GLU D 16 -8.68 0.84 -8.93
CA GLU D 16 -9.47 -0.41 -8.86
C GLU D 16 -10.49 -0.25 -7.74
N ASN D 17 -11.78 -0.36 -8.06
CA ASN D 17 -12.87 -0.16 -7.08
C ASN D 17 -12.69 -1.12 -5.91
N GLY D 18 -12.75 -0.53 -4.71
CA GLY D 18 -12.55 -1.23 -3.43
C GLY D 18 -11.11 -1.34 -2.98
N LYS D 19 -10.13 -0.94 -3.81
CA LYS D 19 -8.71 -1.04 -3.46
C LYS D 19 -8.17 0.32 -2.98
N PRO D 20 -7.67 0.41 -1.71
CA PRO D 20 -7.07 1.68 -1.24
C PRO D 20 -6.01 2.22 -2.19
N ASN D 21 -5.96 3.53 -2.31
CA ASN D 21 -5.07 4.24 -3.22
C ASN D 21 -4.75 5.60 -2.62
N ILE D 22 -4.08 6.47 -3.38
CA ILE D 22 -3.74 7.84 -3.01
C ILE D 22 -4.17 8.76 -4.15
N LEU D 23 -4.96 9.79 -3.80
CA LEU D 23 -5.39 10.80 -4.76
C LEU D 23 -4.51 12.02 -4.63
N ASN D 24 -3.97 12.44 -5.77
CA ASN D 24 -3.11 13.60 -5.84
C ASN D 24 -3.80 14.81 -6.43
N CYS D 25 -3.46 15.98 -5.90
CA CYS D 25 -3.89 17.27 -6.43
C CYS D 25 -2.67 18.18 -6.46
N TYR D 26 -2.22 18.49 -7.69
CA TYR D 26 -1.05 19.30 -7.96
C TYR D 26 -1.48 20.66 -8.42
N VAL D 27 -1.19 21.63 -7.56
CA VAL D 27 -1.56 23.04 -7.76
C VAL D 27 -0.27 23.80 -8.06
N THR D 28 -0.26 24.50 -9.21
CA THR D 28 0.87 25.26 -9.75
C THR D 28 0.48 26.63 -10.32
N GLN D 29 1.53 27.40 -10.75
CA GLN D 29 1.50 28.69 -11.45
C GLN D 29 0.75 29.80 -10.72
N PHE D 30 0.53 29.67 -9.41
CA PHE D 30 -0.17 30.70 -8.66
C PHE D 30 0.80 31.69 -7.98
N HIS D 31 0.29 32.90 -7.66
CA HIS D 31 0.93 33.99 -6.94
C HIS D 31 -0.17 34.95 -6.45
N PRO D 32 -0.20 35.36 -5.16
CA PRO D 32 0.79 35.10 -4.08
C PRO D 32 0.69 33.68 -3.50
N PRO D 33 1.74 33.19 -2.79
CA PRO D 33 1.72 31.80 -2.26
C PRO D 33 0.55 31.44 -1.32
N HIS D 34 -0.20 32.41 -0.76
CA HIS D 34 -1.32 32.00 0.09
C HIS D 34 -2.41 31.29 -0.77
N ILE D 35 -2.82 30.13 -0.28
CA ILE D 35 -3.74 29.23 -0.99
C ILE D 35 -4.40 28.30 0.03
N GLU D 36 -5.65 27.94 -0.26
CA GLU D 36 -6.44 27.03 0.56
C GLU D 36 -6.86 25.86 -0.32
N ILE D 37 -6.34 24.67 -0.02
CA ILE D 37 -6.61 23.48 -0.83
C ILE D 37 -7.37 22.47 0.01
N GLN D 38 -8.49 22.01 -0.54
CA GLN D 38 -9.34 21.00 0.07
C GLN D 38 -9.53 19.86 -0.90
N MET D 39 -9.59 18.66 -0.38
CA MET D 39 -9.87 17.47 -1.17
C MET D 39 -11.21 16.94 -0.69
N LEU D 40 -12.13 16.68 -1.62
CA LEU D 40 -13.50 16.30 -1.26
C LEU D 40 -13.91 14.93 -1.77
N LYS D 41 -14.76 14.28 -0.97
CA LYS D 41 -15.41 13.02 -1.31
C LYS D 41 -16.92 13.29 -1.25
N ASN D 42 -17.60 13.25 -2.40
CA ASN D 42 -19.03 13.53 -2.55
C ASN D 42 -19.35 14.93 -2.04
N GLY D 43 -18.52 15.91 -2.41
CA GLY D 43 -18.66 17.31 -2.03
C GLY D 43 -18.35 17.67 -0.59
N LYS D 44 -18.08 16.66 0.29
CA LYS D 44 -17.76 16.84 1.70
C LYS D 44 -16.24 16.72 1.90
N LYS D 45 -15.66 17.68 2.61
CA LYS D 45 -14.24 17.81 2.90
C LYS D 45 -13.65 16.57 3.56
N ILE D 46 -12.58 16.02 2.95
CA ILE D 46 -11.81 14.89 3.47
C ILE D 46 -10.94 15.44 4.59
N PRO D 47 -11.01 14.88 5.81
CA PRO D 47 -10.22 15.45 6.93
C PRO D 47 -8.71 15.18 6.90
N LYS D 48 -8.26 14.03 6.37
CA LYS D 48 -6.82 13.69 6.39
C LYS D 48 -6.15 13.99 5.03
N VAL D 49 -5.75 15.26 4.83
CA VAL D 49 -5.10 15.70 3.59
C VAL D 49 -3.68 16.21 3.93
N GLU D 50 -2.66 15.61 3.31
CA GLU D 50 -1.28 15.99 3.51
C GLU D 50 -0.81 16.93 2.40
N MET D 51 -0.08 17.96 2.78
CA MET D 51 0.44 18.94 1.86
C MET D 51 1.93 18.91 1.87
N SER D 52 2.52 19.11 0.70
CA SER D 52 3.97 19.25 0.61
C SER D 52 4.31 20.68 1.10
N ASP D 53 5.59 20.97 1.30
CA ASP D 53 5.98 22.30 1.72
C ASP D 53 5.96 23.21 0.49
N MET D 54 5.44 24.42 0.64
CA MET D 54 5.42 25.40 -0.44
C MET D 54 6.82 25.52 -1.04
N SER D 55 6.91 25.27 -2.33
CA SER D 55 8.14 25.32 -3.10
C SER D 55 7.87 26.06 -4.41
N PHE D 56 8.90 26.34 -5.19
CA PHE D 56 8.77 27.06 -6.45
C PHE D 56 9.84 26.58 -7.43
N SER D 57 9.57 26.80 -8.72
CA SER D 57 10.41 26.41 -9.84
C SER D 57 11.43 27.48 -10.15
N LYS D 58 12.40 27.16 -11.04
CA LYS D 58 13.45 28.10 -11.48
C LYS D 58 12.87 29.46 -11.94
N ASP D 59 11.68 29.45 -12.57
CA ASP D 59 11.00 30.62 -13.11
C ASP D 59 10.07 31.30 -12.08
N TRP D 60 10.21 30.92 -10.78
CA TRP D 60 9.54 31.47 -9.59
C TRP D 60 8.06 31.06 -9.48
N SER D 61 7.63 30.14 -10.32
CA SER D 61 6.24 29.64 -10.28
C SER D 61 6.07 28.72 -9.08
N PHE D 62 5.13 29.08 -8.18
CA PHE D 62 4.81 28.30 -7.00
C PHE D 62 4.14 26.96 -7.38
N TYR D 63 4.34 25.95 -6.54
CA TYR D 63 3.79 24.61 -6.71
C TYR D 63 3.67 23.95 -5.37
N ILE D 64 2.60 23.19 -5.23
CA ILE D 64 2.27 22.48 -4.01
C ILE D 64 1.52 21.22 -4.43
N LEU D 65 1.74 20.14 -3.68
CA LEU D 65 1.07 18.89 -3.94
C LEU D 65 0.32 18.50 -2.71
N ALA D 66 -0.99 18.35 -2.87
CA ALA D 66 -1.86 17.84 -1.85
C ALA D 66 -2.17 16.41 -2.20
N HIS D 67 -2.18 15.54 -1.23
CA HIS D 67 -2.51 14.15 -1.49
C HIS D 67 -3.31 13.55 -0.35
N THR D 68 -4.11 12.53 -0.62
CA THR D 68 -4.92 11.87 0.40
C THR D 68 -5.12 10.43 0.05
N GLU D 69 -5.34 9.62 1.09
CA GLU D 69 -5.68 8.21 0.97
C GLU D 69 -7.15 8.11 0.62
N PHE D 70 -7.48 7.31 -0.39
CA PHE D 70 -8.86 7.16 -0.83
C PHE D 70 -9.07 5.77 -1.41
N THR D 71 -10.30 5.33 -1.45
CA THR D 71 -10.67 4.04 -1.98
C THR D 71 -11.67 4.34 -3.10
N PRO D 72 -11.26 4.27 -4.39
CA PRO D 72 -12.21 4.57 -5.47
C PRO D 72 -13.39 3.58 -5.45
N THR D 73 -14.54 4.07 -5.87
CA THR D 73 -15.80 3.34 -5.84
C THR D 73 -16.58 3.66 -7.14
N GLU D 74 -17.67 2.91 -7.42
CA GLU D 74 -18.51 3.13 -8.61
C GLU D 74 -19.40 4.38 -8.48
N THR D 75 -19.75 4.82 -7.24
CA THR D 75 -20.73 5.88 -6.92
C THR D 75 -20.14 7.17 -6.29
N ASP D 76 -18.93 7.11 -5.75
CA ASP D 76 -18.28 8.25 -5.10
C ASP D 76 -17.54 9.14 -6.07
N THR D 77 -17.61 10.44 -5.82
CA THR D 77 -16.94 11.47 -6.61
C THR D 77 -15.85 12.09 -5.73
N TYR D 78 -14.69 12.39 -6.31
CA TYR D 78 -13.55 12.95 -5.60
C TYR D 78 -13.11 14.23 -6.32
N ALA D 79 -12.78 15.27 -5.54
CA ALA D 79 -12.45 16.55 -6.13
C ALA D 79 -11.38 17.28 -5.34
N CYS D 80 -10.79 18.25 -6.01
CA CYS D 80 -9.84 19.15 -5.40
C CYS D 80 -10.35 20.58 -5.60
N ARG D 81 -10.66 21.25 -4.50
CA ARG D 81 -11.15 22.64 -4.48
C ARG D 81 -10.04 23.56 -3.99
N VAL D 82 -9.77 24.58 -4.78
CA VAL D 82 -8.75 25.57 -4.46
C VAL D 82 -9.39 26.96 -4.37
N LYS D 83 -9.05 27.70 -3.30
CA LYS D 83 -9.45 29.10 -3.09
C LYS D 83 -8.19 29.95 -3.14
N HIS D 84 -8.15 30.88 -4.12
CA HIS D 84 -7.04 31.82 -4.32
C HIS D 84 -7.59 33.20 -4.64
N ALA D 85 -6.90 34.28 -4.18
CA ALA D 85 -7.28 35.69 -4.35
C ALA D 85 -7.30 36.15 -5.81
N SER D 86 -6.66 35.39 -6.73
CA SER D 86 -6.63 35.70 -8.16
C SER D 86 -7.96 35.31 -8.81
N MET D 87 -8.79 34.54 -8.07
CA MET D 87 -10.07 34.01 -8.52
C MET D 87 -11.22 34.58 -7.73
N ALA D 88 -12.26 34.98 -8.46
CA ALA D 88 -13.50 35.49 -7.85
C ALA D 88 -14.17 34.37 -7.06
N GLU D 89 -14.15 33.13 -7.60
CA GLU D 89 -14.75 31.95 -6.98
C GLU D 89 -13.72 30.79 -6.76
N PRO D 90 -13.95 29.90 -5.75
CA PRO D 90 -13.11 28.68 -5.66
C PRO D 90 -13.21 27.81 -6.91
N LYS D 91 -12.08 27.25 -7.36
CA LYS D 91 -12.04 26.35 -8.50
C LYS D 91 -12.03 24.89 -8.01
N THR D 92 -13.00 24.11 -8.48
CA THR D 92 -13.12 22.69 -8.19
C THR D 92 -12.88 21.90 -9.46
N VAL D 93 -11.94 20.94 -9.41
CA VAL D 93 -11.72 20.03 -10.53
C VAL D 93 -11.87 18.62 -9.95
N TYR D 94 -12.74 17.87 -10.61
CA TYR D 94 -13.13 16.54 -10.24
C TYR D 94 -12.19 15.54 -10.82
N TRP D 95 -11.96 14.47 -10.06
CA TRP D 95 -11.16 13.35 -10.52
C TRP D 95 -11.91 12.60 -11.58
N ASP D 96 -11.25 12.38 -12.71
CA ASP D 96 -11.73 11.60 -13.82
C ASP D 96 -10.69 10.50 -14.12
N ARG D 97 -10.94 9.27 -13.67
CA ARG D 97 -9.98 8.14 -13.81
C ARG D 97 -9.58 7.82 -15.25
N ASP D 98 -10.47 8.14 -16.21
CA ASP D 98 -10.35 7.94 -17.64
C ASP D 98 -9.47 8.99 -18.36
N MET D 99 -9.38 10.26 -17.87
CA MET D 99 -8.60 11.34 -18.50
C MET D 99 -7.10 11.08 -18.41
C1 NAG E . 17.50 -7.23 10.40
C2 NAG E . 18.58 -6.34 11.03
C3 NAG E . 18.33 -4.92 10.54
C4 NAG E . 18.35 -4.84 9.01
C5 NAG E . 17.30 -5.81 8.46
C6 NAG E . 17.27 -5.91 6.93
C7 NAG E . 19.22 -7.23 13.26
C8 NAG E . 19.24 -6.91 14.74
N2 NAG E . 18.53 -6.37 12.49
O3 NAG E . 19.27 -4.03 11.15
O4 NAG E . 17.95 -3.53 8.58
O5 NAG E . 17.55 -7.14 8.96
O6 NAG E . 15.98 -6.28 6.44
O7 NAG E . 19.79 -8.22 12.81
C1 NAG E . 18.92 -2.48 8.40
C2 NAG E . 18.37 -1.56 7.31
C3 NAG E . 19.21 -0.28 7.21
C4 NAG E . 19.31 0.41 8.57
C5 NAG E . 19.87 -0.58 9.60
C6 NAG E . 19.91 -0.03 11.00
C7 NAG E . 17.14 -2.28 5.30
C8 NAG E . 17.22 -3.06 4.03
N2 NAG E . 18.27 -2.21 6.02
O3 NAG E . 18.61 0.60 6.26
O4 NAG E . 20.11 1.58 8.49
O5 NAG E . 19.06 -1.77 9.63
O6 NAG E . 20.33 -1.00 11.95
O7 NAG E . 16.09 -1.73 5.67
C1 NAG F . 34.00 35.32 -3.06
C2 NAG F . 35.06 36.26 -2.48
C3 NAG F . 35.05 37.56 -3.27
C4 NAG F . 35.20 37.33 -4.78
C5 NAG F . 34.08 36.37 -5.23
C6 NAG F . 34.11 36.01 -6.71
C7 NAG F . 35.32 35.83 -0.04
C8 NAG F . 35.20 36.46 1.31
N2 NAG F . 34.82 36.54 -1.07
O3 NAG F . 36.06 38.44 -2.75
O4 NAG F . 35.00 38.56 -5.49
O5 NAG F . 34.17 35.14 -4.48
O6 NAG F . 32.79 35.75 -7.21
O7 NAG F . 35.84 34.73 -0.20
C1 NAG F . 36.10 39.43 -5.75
C2 NAG F . 35.78 40.20 -7.04
C3 NAG F . 36.80 41.32 -7.30
C4 NAG F . 36.92 42.22 -6.09
C5 NAG F . 37.26 41.39 -4.85
C6 NAG F . 37.27 42.22 -3.57
C7 NAG F . 34.59 39.26 -8.98
C8 NAG F . 34.63 38.25 -10.08
N2 NAG F . 35.67 39.32 -8.19
O3 NAG F . 36.38 42.07 -8.44
O4 NAG F . 37.89 43.25 -6.31
O5 NAG F . 36.27 40.36 -4.66
O6 NAG F . 37.49 41.41 -2.43
O7 NAG F . 33.62 40.00 -8.81
C1 NAG G . -7.15 -14.50 28.44
C2 NAG G . -8.35 -14.17 29.34
C3 NAG G . -7.92 -13.08 30.32
C4 NAG G . -6.71 -13.52 31.14
C5 NAG G . -5.58 -13.92 30.19
C6 NAG G . -4.37 -14.50 30.88
C7 NAG G . -10.55 -14.51 28.27
C8 NAG G . -11.70 -13.82 27.61
N2 NAG G . -9.49 -13.74 28.55
O3 NAG G . -8.98 -12.73 31.20
O4 NAG G . -6.32 -12.51 32.06
O5 NAG G . -6.06 -14.92 29.27
O6 NAG G . -4.61 -15.82 31.37
O7 NAG G . -10.57 -15.70 28.54
C2I F57 H . -5.56 2.89 19.34
C2H F57 H . -5.63 1.60 18.50
C2G F57 H . -4.70 0.52 19.07
C2F F57 H . -3.38 0.51 18.32
C2E F57 H . -3.44 -0.48 17.17
C2D F57 H . -2.15 -0.36 16.39
C2C F57 H . -1.94 -1.61 15.54
C2B F57 H . -0.87 -2.51 16.17
C2A F57 H . 0.54 -2.05 15.74
C29 F57 H . 1.48 -3.18 15.28
C28 F57 H . 1.44 -4.43 16.19
C27 F57 H . 2.62 -4.44 17.16
C26 F57 H . 2.63 -5.74 17.96
C25 F57 H . 2.83 -5.38 19.43
C24 F57 H . 4.17 -5.96 19.92
C23 F57 H . 4.48 -5.44 21.34
C22 F57 H . 5.19 -6.54 22.14
C21 F57 H . 6.03 -5.95 23.27
O22 F57 H . 5.52 -5.15 24.05
O21 F57 H . 7.37 -6.24 23.23
C2 F57 H . 8.17 -6.89 24.30
C1 F57 H . 8.08 -6.20 25.67
O11 F57 H . 7.91 -4.77 25.54
P F57 H . 7.23 -3.90 26.72
O13 F57 H . 5.78 -4.52 26.97
O12 F57 H . 7.03 -2.53 26.20
O14 F57 H . 8.03 -4.10 27.96
C3 F57 H . 7.80 -8.38 24.46
O31 F57 H . 7.57 -9.00 23.20
C31 F57 H . 8.54 -9.89 22.80
O32 F57 H . 8.95 -10.84 23.48
C32 F57 H . 9.06 -9.65 21.37
C33 F57 H . 7.94 -9.40 20.34
C34 F57 H . 7.96 -10.50 19.28
C35 F57 H . 6.54 -10.89 18.88
C36 F57 H . 6.50 -12.27 18.20
C37 F57 H . 5.19 -13.00 18.45
C38 F57 H . 4.18 -12.81 17.31
C39 F57 H . 3.66 -14.19 16.85
C3A F57 H . 2.29 -14.51 17.47
C1 NAG I . 6.91 33.19 12.56
C2 NAG I . 5.62 33.75 13.17
C3 NAG I . 5.99 35.02 13.96
C4 NAG I . 7.04 34.73 15.01
C5 NAG I . 8.26 34.07 14.35
C6 NAG I . 9.34 33.64 15.31
C7 NAG I . 3.57 33.29 11.86
C8 NAG I . 2.60 33.86 10.88
N2 NAG I . 4.65 34.06 12.13
O3 NAG I . 4.82 35.57 14.56
O4 NAG I . 7.40 35.92 15.70
O5 NAG I . 7.83 32.91 13.61
O6 NAG I . 8.96 32.46 16.02
O7 NAG I . 3.41 32.18 12.37
C2I F57 J . 9.57 47.53 0.81
C2H F57 J . 10.01 46.14 0.34
C2G F57 J . 11.34 45.70 1.01
C2F F57 J . 12.48 45.72 -0.02
C2E F57 J . 12.44 44.46 -0.90
C2D F57 J . 13.77 44.37 -1.65
C2C F57 J . 14.13 42.92 -2.02
C2B F57 J . 14.56 42.12 -0.78
C2A F57 J . 16.01 42.40 -0.39
C29 F57 J . 16.91 41.27 -0.88
C28 F57 J . 16.95 40.17 0.17
C27 F57 J . 18.40 39.92 0.53
C26 F57 J . 18.41 39.10 1.81
C25 F57 J . 18.95 39.91 2.98
C24 F57 J . 19.44 38.92 4.02
C23 F57 J . 20.45 39.57 4.93
C22 F57 J . 20.02 39.31 6.37
C21 F57 J . 21.07 39.89 7.33
O22 F57 J . 21.36 41.08 7.29
O21 F57 J . 21.53 38.97 8.26
C2 F57 J . 22.81 39.17 8.90
C1 F57 J . 22.66 39.99 10.20
O11 F57 J . 22.56 41.37 9.85
P F57 J . 21.94 42.51 10.84
O13 F57 J . 20.37 42.13 10.90
O12 F57 J . 22.05 43.85 10.20
O14 F57 J . 22.54 42.29 12.19
C3 F57 J . 23.45 37.83 9.23
O31 F57 J . 22.91 36.83 8.36
C31 F57 J . 23.35 35.57 8.63
O32 F57 J . 23.28 35.02 9.73
C32 F57 J . 23.95 34.81 7.43
C33 F57 J . 23.33 35.18 6.07
C34 F57 J . 23.46 34.00 5.11
C35 F57 J . 22.09 33.69 4.51
C36 F57 J . 21.81 32.19 4.49
C37 F57 J . 20.32 31.90 4.61
C38 F57 J . 19.57 31.95 3.26
C39 F57 J . 18.96 30.57 2.95
C3A F57 J . 17.43 30.59 2.96
#